data_4OEV
#
_entry.id   4OEV
#
_cell.length_a   246.120
_cell.length_b   47.860
_cell.length_c   140.460
_cell.angle_alpha   90.00
_cell.angle_beta   114.60
_cell.angle_gamma   90.00
#
_symmetry.space_group_name_H-M   'C 1 2 1'
#
loop_
_entity.id
_entity.type
_entity.pdbx_description
1 polymer 'Putative peptide ABC-transport system periplasmic peptide-binding protein'
2 non-polymer 'NICKEL (II) ION'
3 non-polymer 'OXALATE ION'
4 non-polymer GLYCEROL
5 water water
#
_entity_poly.entity_id   1
_entity_poly.type   'polypeptide(L)'
_entity_poly.pdbx_seq_one_letter_code
;KIPKDTLIIAVENEIARINPAYSEDHDAVINLVFSGLTRFDENMSLKPDLAKSWDISKDGLVYDIFLRDDVLWHDGVKFS
ADDVKFSIEAFKNPKNNSSIYVNFEDIKSVEILNPSHVKITLFKPYPAFLDALSIGMLPKHLLENENLNTSSFNQNPIGT
GPYKFVKWKKGEYVEFKANEHFYLDKVKTPRLIIKHIFDPSIASAELKNGKIDAALIDVSLLNIFKNDENFGILREKSAD
YRALMFNLDNEFLKDLKVRQALNYAVDKESIVKNLLHDYAFVANHPLERSWANSKNFKIYKYDPKKAEDLLVSAGFKKNK
DGNFEKDGKILEFEIWAMSNDPLRVSLAGILQSEFRKIGVVSKVVAKPAGSFDYSKVDSFLIGWGSPLDPDFHTFRVFES
SQDSALNDEGWNFGHYHDKKVDIALQKARNTSNLEERKKYYKDFIDALYENPPFIFLAYLDFALVYNKDLKGIKTRTLGH
HGVGFTWNVYEWSK
;
_entity_poly.pdbx_strand_id   A,B
#
# COMPACT_ATOMS: atom_id res chain seq x y z
N LYS A 1 25.23 -17.22 45.16
CA LYS A 1 24.55 -18.14 44.26
C LYS A 1 23.04 -17.90 44.29
N ILE A 2 22.37 -18.16 43.16
CA ILE A 2 20.92 -17.96 43.06
C ILE A 2 20.19 -18.96 43.99
N PRO A 3 19.31 -18.45 44.87
CA PRO A 3 18.61 -19.35 45.80
C PRO A 3 17.82 -20.41 45.04
N LYS A 4 17.55 -21.52 45.72
CA LYS A 4 16.86 -22.65 45.13
C LYS A 4 15.39 -22.29 44.78
N ASP A 5 14.86 -21.24 45.41
CA ASP A 5 13.45 -20.89 45.21
C ASP A 5 13.26 -19.78 44.19
N THR A 6 14.37 -19.41 43.53
CA THR A 6 14.37 -18.33 42.56
C THR A 6 14.89 -18.83 41.21
N LEU A 7 14.17 -18.51 40.12
CA LEU A 7 14.63 -18.79 38.76
C LEU A 7 15.02 -17.47 38.11
N ILE A 8 16.21 -17.37 37.53
CA ILE A 8 16.56 -16.15 36.82
C ILE A 8 16.84 -16.50 35.39
N ILE A 9 16.02 -16.00 34.48
CA ILE A 9 16.16 -16.35 33.06
C ILE A 9 16.42 -15.13 32.21
N ALA A 10 17.47 -15.22 31.38
CA ALA A 10 17.75 -14.18 30.42
C ALA A 10 16.83 -14.30 29.22
N VAL A 11 16.35 -13.15 28.76
CA VAL A 11 15.56 -13.09 27.54
C VAL A 11 16.03 -11.93 26.67
N GLU A 12 16.21 -12.17 25.37
CA GLU A 12 16.77 -11.12 24.45
C GLU A 12 15.93 -9.82 24.39
N ASN A 13 14.61 -9.97 24.23
CA ASN A 13 13.70 -8.84 24.01
C ASN A 13 12.80 -8.61 25.22
N GLU A 14 12.42 -7.36 25.42
CA GLU A 14 11.48 -6.99 26.44
C GLU A 14 10.28 -6.36 25.74
N ILE A 15 9.31 -5.94 26.53
CA ILE A 15 8.16 -5.21 26.00
C ILE A 15 7.79 -4.07 26.94
N ALA A 16 7.46 -2.90 26.38
CA ALA A 16 7.16 -1.75 27.24
C ALA A 16 5.77 -1.81 27.86
N ARG A 17 4.86 -2.61 27.30
CA ARG A 17 3.51 -2.70 27.88
C ARG A 17 3.18 -4.18 28.05
N ILE A 18 3.13 -4.63 29.31
CA ILE A 18 2.88 -6.04 29.54
C ILE A 18 1.38 -6.24 29.47
N ASN A 19 0.89 -6.31 28.24
CA ASN A 19 -0.53 -6.32 27.96
C ASN A 19 -0.71 -7.08 26.67
N PRO A 20 -1.46 -8.18 26.71
CA PRO A 20 -1.73 -9.02 25.53
C PRO A 20 -2.13 -8.21 24.27
N ALA A 21 -2.83 -7.09 24.42
CA ALA A 21 -3.26 -6.31 23.25
C ALA A 21 -2.08 -5.76 22.44
N TYR A 22 -0.90 -5.67 23.05
CA TYR A 22 0.30 -5.12 22.40
C TYR A 22 1.42 -6.18 22.26
N SER A 23 1.02 -7.45 22.33
CA SER A 23 1.95 -8.55 22.04
C SER A 23 2.55 -8.46 20.63
N GLU A 24 3.88 -8.50 20.52
CA GLU A 24 4.51 -8.55 19.21
C GLU A 24 5.30 -9.86 19.02
N ASP A 25 4.94 -10.87 19.79
CA ASP A 25 5.56 -12.21 19.76
C ASP A 25 7.07 -12.11 20.03
N HIS A 26 7.51 -11.08 20.75
CA HIS A 26 8.93 -10.98 21.07
C HIS A 26 9.29 -11.19 22.53
N ASP A 27 8.30 -11.17 23.42
CA ASP A 27 8.62 -11.19 24.85
C ASP A 27 8.30 -12.53 25.52
N ALA A 28 8.77 -12.68 26.76
CA ALA A 28 8.48 -13.89 27.53
C ALA A 28 7.63 -13.58 28.76
N VAL A 29 7.13 -12.33 28.90
CA VAL A 29 6.49 -11.94 30.14
C VAL A 29 4.95 -11.89 30.09
N ILE A 30 4.37 -11.56 28.94
CA ILE A 30 2.91 -11.54 28.84
C ILE A 30 2.38 -12.95 29.10
N ASN A 31 3.07 -13.98 28.60
CA ASN A 31 2.61 -15.36 28.86
C ASN A 31 2.86 -15.87 30.29
N LEU A 32 3.54 -15.08 31.13
CA LEU A 32 3.69 -15.43 32.55
C LEU A 32 2.48 -14.89 33.35
N VAL A 33 2.13 -13.65 33.07
CA VAL A 33 1.04 -12.97 33.79
C VAL A 33 -0.35 -13.33 33.25
N PHE A 34 -0.45 -13.56 31.94
CA PHE A 34 -1.77 -13.77 31.34
C PHE A 34 -1.93 -15.18 30.82
N SER A 35 -3.17 -15.60 30.64
CA SER A 35 -3.44 -16.84 29.96
C SER A 35 -4.64 -16.64 29.08
N GLY A 36 -4.74 -17.48 28.05
CA GLY A 36 -5.76 -17.35 27.03
C GLY A 36 -6.78 -18.46 27.11
N LEU A 37 -7.73 -18.43 26.19
CA LEU A 37 -8.75 -19.46 26.10
C LEU A 37 -8.17 -20.79 25.69
N THR A 38 -7.13 -20.75 24.87
CA THR A 38 -6.47 -21.95 24.43
C THR A 38 -4.97 -21.90 24.74
N ARG A 39 -4.32 -23.04 24.62
CA ARG A 39 -2.86 -23.13 24.87
C ARG A 39 -2.30 -24.25 24.00
N PHE A 40 -0.97 -24.43 23.99
CA PHE A 40 -0.35 -25.49 23.21
C PHE A 40 0.57 -26.34 24.09
N ASP A 41 0.61 -27.66 23.85
CA ASP A 41 1.45 -28.55 24.67
C ASP A 41 2.79 -28.78 24.00
N GLU A 42 3.56 -29.77 24.47
CA GLU A 42 4.92 -29.94 23.97
C GLU A 42 4.95 -30.35 22.51
N ASN A 43 3.82 -30.88 22.04
CA ASN A 43 3.66 -31.26 20.65
C ASN A 43 3.04 -30.16 19.77
N MET A 44 2.93 -28.93 20.31
CA MET A 44 2.22 -27.79 19.72
C MET A 44 0.76 -28.15 19.37
N SER A 45 0.16 -29.01 20.19
CA SER A 45 -1.25 -29.35 20.03
C SER A 45 -2.10 -28.33 20.72
N LEU A 46 -3.20 -27.89 20.09
CA LEU A 46 -4.12 -26.99 20.72
C LEU A 46 -4.84 -27.70 21.87
N LYS A 47 -4.86 -27.08 23.04
CA LYS A 47 -5.52 -27.64 24.22
C LYS A 47 -6.33 -26.58 24.92
N PRO A 48 -7.38 -27.01 25.67
CA PRO A 48 -8.18 -26.03 26.43
C PRO A 48 -7.34 -25.33 27.48
N ASP A 49 -7.63 -24.05 27.72
CA ASP A 49 -6.96 -23.37 28.81
C ASP A 49 -8.02 -22.65 29.64
N LEU A 50 -8.26 -21.36 29.40
CA LEU A 50 -9.34 -20.71 30.14
C LEU A 50 -10.67 -21.22 29.65
N ALA A 51 -10.71 -21.67 28.40
CA ALA A 51 -11.94 -22.26 27.87
C ALA A 51 -11.92 -23.79 28.01
N LYS A 52 -12.99 -24.37 28.56
CA LYS A 52 -13.10 -25.83 28.70
C LYS A 52 -13.32 -26.58 27.37
N SER A 53 -14.16 -26.01 26.49
CA SER A 53 -14.42 -26.59 25.15
C SER A 53 -15.08 -25.57 24.23
N TRP A 54 -15.28 -26.00 22.98
CA TRP A 54 -15.82 -25.15 21.93
C TRP A 54 -16.36 -25.96 20.75
N ASP A 55 -17.39 -25.42 20.09
CA ASP A 55 -17.97 -25.96 18.88
C ASP A 55 -18.00 -24.91 17.77
N ILE A 56 -17.63 -25.31 16.56
CA ILE A 56 -17.65 -24.43 15.39
C ILE A 56 -18.67 -24.89 14.37
N SER A 57 -19.44 -23.94 13.82
CA SER A 57 -20.50 -24.28 12.89
C SER A 57 -19.89 -24.84 11.60
N LYS A 58 -20.73 -25.50 10.80
CA LYS A 58 -20.25 -26.15 9.59
C LYS A 58 -19.70 -25.12 8.60
N ASP A 59 -20.26 -23.92 8.59
CA ASP A 59 -19.79 -22.88 7.65
C ASP A 59 -18.54 -22.14 8.15
N GLY A 60 -18.12 -22.45 9.37
CA GLY A 60 -16.94 -21.84 9.95
C GLY A 60 -17.19 -20.43 10.52
N LEU A 61 -18.44 -19.99 10.56
CA LEU A 61 -18.72 -18.59 10.92
C LEU A 61 -19.04 -18.38 12.40
N VAL A 62 -19.40 -19.43 13.11
CA VAL A 62 -19.91 -19.30 14.49
C VAL A 62 -19.16 -20.17 15.51
N TYR A 63 -18.69 -19.53 16.57
CA TYR A 63 -17.90 -20.19 17.63
C TYR A 63 -18.64 -20.15 18.92
N ASP A 64 -19.00 -21.34 19.43
CA ASP A 64 -19.59 -21.42 20.76
C ASP A 64 -18.49 -21.84 21.72
N ILE A 65 -18.13 -20.97 22.65
CA ILE A 65 -17.01 -21.28 23.56
C ILE A 65 -17.49 -21.40 25.02
N PHE A 66 -17.10 -22.50 25.68
CA PHE A 66 -17.50 -22.80 27.07
C PHE A 66 -16.30 -22.69 28.04
N LEU A 67 -16.47 -21.85 29.06
CA LEU A 67 -15.36 -21.42 29.91
C LEU A 67 -15.24 -22.16 31.23
N ARG A 68 -14.04 -22.15 31.84
CA ARG A 68 -13.90 -22.65 33.22
C ARG A 68 -14.61 -21.69 34.19
N ASP A 69 -15.27 -22.21 35.24
CA ASP A 69 -15.89 -21.28 36.18
C ASP A 69 -15.02 -21.08 37.41
N ASP A 70 -13.89 -21.76 37.44
CA ASP A 70 -13.04 -21.80 38.63
C ASP A 70 -11.77 -20.95 38.55
N VAL A 71 -11.77 -19.93 37.68
CA VAL A 71 -10.56 -19.13 37.51
C VAL A 71 -10.63 -17.78 38.24
N LEU A 72 -9.55 -17.44 38.94
CA LEU A 72 -9.39 -16.11 39.50
C LEU A 72 -8.31 -15.30 38.75
N TRP A 73 -8.57 -14.00 38.59
CA TRP A 73 -7.57 -12.99 38.28
C TRP A 73 -6.64 -12.87 39.49
N HIS A 74 -5.46 -12.27 39.30
CA HIS A 74 -4.49 -12.14 40.37
C HIS A 74 -4.97 -11.27 41.54
N ASP A 75 -6.06 -10.52 41.35
CA ASP A 75 -6.56 -9.65 42.43
C ASP A 75 -7.78 -10.23 43.15
N GLY A 76 -8.11 -11.48 42.87
CA GLY A 76 -9.16 -12.17 43.60
C GLY A 76 -10.48 -12.22 42.85
N VAL A 77 -10.66 -11.32 41.88
CA VAL A 77 -11.93 -11.25 41.16
C VAL A 77 -12.06 -12.47 40.24
N LYS A 78 -13.25 -13.01 40.10
CA LYS A 78 -13.47 -14.18 39.26
C LYS A 78 -13.31 -13.80 37.77
N PHE A 79 -12.91 -14.79 36.97
CA PHE A 79 -12.84 -14.65 35.52
C PHE A 79 -14.18 -15.11 34.96
N SER A 80 -14.78 -14.30 34.10
CA SER A 80 -16.10 -14.56 33.54
C SER A 80 -16.20 -14.33 32.03
N ALA A 81 -17.38 -14.61 31.48
CA ALA A 81 -17.64 -14.26 30.08
C ALA A 81 -17.46 -12.78 29.85
N ASP A 82 -17.70 -11.97 30.89
CA ASP A 82 -17.51 -10.50 30.81
C ASP A 82 -16.14 -10.12 30.22
N ASP A 83 -15.11 -10.79 30.72
CA ASP A 83 -13.71 -10.55 30.30
C ASP A 83 -13.44 -10.91 28.87
N VAL A 84 -14.03 -12.01 28.45
CA VAL A 84 -13.80 -12.54 27.15
C VAL A 84 -14.39 -11.59 26.10
N LYS A 85 -15.59 -11.09 26.34
CA LYS A 85 -16.18 -10.16 25.42
C LYS A 85 -15.44 -8.83 25.47
N PHE A 86 -15.06 -8.40 26.66
CA PHE A 86 -14.31 -7.15 26.75
C PHE A 86 -13.00 -7.27 25.93
N SER A 87 -12.29 -8.39 26.13
CA SER A 87 -10.97 -8.59 25.50
C SER A 87 -10.98 -8.63 23.98
N ILE A 88 -11.79 -9.51 23.44
CA ILE A 88 -11.92 -9.65 22.01
C ILE A 88 -12.37 -8.33 21.38
N GLU A 89 -13.34 -7.64 22.00
CA GLU A 89 -13.75 -6.34 21.50
C GLU A 89 -12.62 -5.32 21.60
N ALA A 90 -11.79 -5.48 22.63
CA ALA A 90 -10.68 -4.58 22.88
C ALA A 90 -9.63 -4.68 21.77
N PHE A 91 -9.31 -5.91 21.32
CA PHE A 91 -8.32 -6.17 20.27
C PHE A 91 -8.79 -5.65 18.91
N LYS A 92 -10.10 -5.63 18.68
CA LYS A 92 -10.55 -5.22 17.35
C LYS A 92 -11.04 -3.79 17.32
N ASN A 93 -11.00 -3.10 18.46
CA ASN A 93 -11.33 -1.67 18.49
C ASN A 93 -10.17 -0.86 17.94
N PRO A 94 -10.42 -0.14 16.83
CA PRO A 94 -9.30 0.58 16.21
C PRO A 94 -8.65 1.62 17.12
N LYS A 95 -9.40 2.15 18.08
CA LYS A 95 -8.89 3.19 18.96
C LYS A 95 -7.88 2.60 19.94
N ASN A 96 -7.79 1.28 20.01
CA ASN A 96 -6.77 0.67 20.88
C ASN A 96 -5.44 0.39 20.18
N ASN A 97 -5.41 0.49 18.86
CA ASN A 97 -4.16 0.31 18.09
C ASN A 97 -3.44 -0.99 18.40
N SER A 98 -4.19 -2.08 18.49
CA SER A 98 -3.69 -3.36 18.96
C SER A 98 -2.71 -3.98 17.98
N SER A 99 -1.63 -4.59 18.49
CA SER A 99 -0.63 -5.23 17.63
C SER A 99 -1.23 -6.49 16.96
N ILE A 100 -2.33 -6.98 17.54
CA ILE A 100 -2.97 -8.20 17.04
C ILE A 100 -4.35 -7.88 16.46
N TYR A 101 -4.56 -6.61 16.12
CA TYR A 101 -5.80 -6.17 15.48
C TYR A 101 -6.26 -7.11 14.34
N VAL A 102 -5.33 -7.52 13.49
CA VAL A 102 -5.66 -8.30 12.29
C VAL A 102 -6.07 -9.73 12.64
N ASN A 103 -5.86 -10.15 13.90
CA ASN A 103 -6.26 -11.47 14.34
C ASN A 103 -7.72 -11.43 14.82
N PHE A 104 -8.23 -10.23 15.06
CA PHE A 104 -9.62 -10.08 15.59
C PHE A 104 -10.56 -9.18 14.81
N GLU A 105 -10.09 -8.58 13.71
CA GLU A 105 -10.92 -7.66 12.91
C GLU A 105 -12.11 -8.35 12.30
N ASP A 106 -12.00 -9.66 12.17
CA ASP A 106 -13.01 -10.44 11.49
C ASP A 106 -14.18 -10.88 12.40
N ILE A 107 -14.18 -10.42 13.64
CA ILE A 107 -15.26 -10.74 14.58
C ILE A 107 -16.40 -9.78 14.40
N LYS A 108 -17.58 -10.30 14.10
CA LYS A 108 -18.74 -9.47 13.91
C LYS A 108 -19.44 -9.15 15.23
N SER A 109 -19.65 -10.17 16.07
CA SER A 109 -20.33 -10.02 17.34
C SER A 109 -19.86 -11.07 18.35
N VAL A 110 -19.87 -10.67 19.62
CA VAL A 110 -19.59 -11.55 20.76
C VAL A 110 -20.80 -11.54 21.71
N GLU A 111 -21.49 -12.68 21.81
CA GLU A 111 -22.72 -12.78 22.64
C GLU A 111 -22.48 -13.62 23.91
N ILE A 112 -22.69 -13.05 25.09
CA ILE A 112 -22.64 -13.80 26.34
C ILE A 112 -24.00 -14.49 26.53
N LEU A 113 -24.09 -15.82 26.32
CA LEU A 113 -25.41 -16.53 26.39
C LEU A 113 -25.64 -17.13 27.78
N ASN A 114 -24.56 -17.43 28.48
CA ASN A 114 -24.63 -17.80 29.92
C ASN A 114 -23.22 -17.48 30.48
N PRO A 115 -23.06 -17.43 31.82
CA PRO A 115 -21.83 -16.90 32.41
C PRO A 115 -20.52 -17.63 32.04
N SER A 116 -20.68 -18.78 31.39
CA SER A 116 -19.57 -19.64 30.95
C SER A 116 -19.69 -19.99 29.46
N HIS A 117 -20.46 -19.20 28.72
CA HIS A 117 -20.79 -19.49 27.32
C HIS A 117 -20.79 -18.18 26.52
N VAL A 118 -19.86 -18.07 25.57
CA VAL A 118 -19.90 -16.94 24.63
C VAL A 118 -20.11 -17.49 23.24
N LYS A 119 -20.83 -16.73 22.44
CA LYS A 119 -21.13 -17.11 21.08
C LYS A 119 -20.49 -16.02 20.22
N ILE A 120 -19.43 -16.38 19.52
CA ILE A 120 -18.69 -15.43 18.70
C ILE A 120 -19.11 -15.67 17.27
N THR A 121 -19.54 -14.61 16.60
CA THR A 121 -19.89 -14.71 15.20
C THR A 121 -18.93 -13.86 14.34
N LEU A 122 -18.52 -14.46 13.24
CA LEU A 122 -17.51 -13.84 12.37
C LEU A 122 -18.14 -13.37 11.07
N PHE A 123 -17.51 -12.40 10.40
CA PHE A 123 -17.99 -11.97 9.08
C PHE A 123 -17.73 -13.05 8.02
N LYS A 124 -16.53 -13.62 8.06
CA LYS A 124 -16.10 -14.64 7.12
C LYS A 124 -15.24 -15.65 7.91
N PRO A 125 -15.02 -16.85 7.35
CA PRO A 125 -14.27 -17.82 8.16
C PRO A 125 -12.86 -17.33 8.49
N TYR A 126 -12.32 -17.72 9.65
CA TYR A 126 -10.94 -17.41 10.03
C TYR A 126 -10.47 -18.57 10.86
N PRO A 127 -10.07 -19.66 10.19
CA PRO A 127 -9.70 -20.89 10.90
C PRO A 127 -8.59 -20.66 11.93
N ALA A 128 -7.76 -19.64 11.71
CA ALA A 128 -6.67 -19.35 12.64
C ALA A 128 -7.20 -18.84 14.00
N PHE A 129 -8.52 -18.68 14.13
CA PHE A 129 -9.07 -18.03 15.31
C PHE A 129 -8.74 -18.72 16.64
N LEU A 130 -8.78 -20.05 16.67
CA LEU A 130 -8.50 -20.78 17.91
C LEU A 130 -7.04 -20.57 18.32
N ASP A 131 -6.13 -20.57 17.33
CA ASP A 131 -4.73 -20.27 17.64
C ASP A 131 -4.67 -18.85 18.17
N ALA A 132 -5.44 -17.96 17.56
CA ALA A 132 -5.44 -16.54 17.94
C ALA A 132 -5.93 -16.34 19.37
N LEU A 133 -6.85 -17.21 19.79
CA LEU A 133 -7.42 -17.12 21.13
C LEU A 133 -6.49 -17.70 22.20
N SER A 134 -5.22 -17.97 21.84
CA SER A 134 -4.27 -18.39 22.85
C SER A 134 -3.69 -17.12 23.48
N ILE A 135 -4.03 -15.94 22.92
CA ILE A 135 -3.58 -14.68 23.51
C ILE A 135 -4.24 -14.47 24.87
N GLY A 136 -3.55 -13.78 25.78
CA GLY A 136 -4.05 -13.59 27.12
C GLY A 136 -5.38 -12.87 27.13
N MET A 137 -6.24 -13.16 28.13
CA MET A 137 -7.48 -12.40 28.35
C MET A 137 -7.19 -11.21 29.30
N LEU A 138 -7.90 -10.11 29.08
CA LEU A 138 -7.76 -8.89 29.88
C LEU A 138 -8.90 -8.80 30.92
N PRO A 139 -8.63 -8.10 32.04
CA PRO A 139 -9.67 -7.91 33.08
C PRO A 139 -10.55 -6.69 32.86
N LYS A 140 -11.78 -6.98 32.44
CA LYS A 140 -12.80 -5.94 32.28
C LYS A 140 -12.90 -5.03 33.50
N HIS A 141 -12.93 -5.62 34.69
CA HIS A 141 -13.21 -4.82 35.89
C HIS A 141 -12.13 -3.80 36.22
N LEU A 142 -10.94 -3.96 35.62
CA LEU A 142 -9.81 -3.02 35.78
C LEU A 142 -9.54 -2.07 34.58
N LEU A 143 -10.01 -2.44 33.39
CA LEU A 143 -9.65 -1.71 32.17
C LEU A 143 -10.85 -1.12 31.40
N GLU A 144 -12.08 -1.43 31.84
CA GLU A 144 -13.22 -1.04 31.02
C GLU A 144 -13.33 0.48 30.96
N ASN A 145 -12.81 1.19 31.95
CA ASN A 145 -12.75 2.65 31.91
C ASN A 145 -11.36 3.22 31.69
N GLU A 146 -10.44 2.38 31.20
CA GLU A 146 -9.10 2.82 30.97
C GLU A 146 -8.84 3.09 29.49
N ASN A 147 -7.85 3.94 29.23
CA ASN A 147 -7.26 4.04 27.90
C ASN A 147 -6.24 2.94 27.77
N LEU A 148 -6.59 1.90 27.04
CA LEU A 148 -5.77 0.72 26.95
C LEU A 148 -4.36 1.05 26.48
N ASN A 149 -4.22 2.11 25.70
CA ASN A 149 -2.94 2.53 25.14
C ASN A 149 -1.90 2.97 26.17
N THR A 150 -2.37 3.68 27.20
CA THR A 150 -1.44 4.36 28.08
C THR A 150 -1.64 4.01 29.55
N SER A 151 -2.56 3.09 29.84
CA SER A 151 -2.97 2.78 31.24
C SER A 151 -1.78 2.37 32.07
N SER A 152 -1.79 2.71 33.37
CA SER A 152 -0.69 2.33 34.26
C SER A 152 -0.73 0.82 34.50
N PHE A 153 -1.87 0.22 34.21
CA PHE A 153 -2.00 -1.24 34.10
C PHE A 153 -0.87 -1.89 33.34
N ASN A 154 -0.47 -1.28 32.22
CA ASN A 154 0.51 -1.89 31.36
C ASN A 154 1.85 -2.09 32.04
N GLN A 155 2.09 -1.37 33.14
CA GLN A 155 3.32 -1.59 33.90
C GLN A 155 3.02 -2.21 35.27
N ASN A 156 1.75 -2.52 35.53
CA ASN A 156 1.29 -3.20 36.76
C ASN A 156 0.23 -4.24 36.42
N PRO A 157 0.54 -5.18 35.50
CA PRO A 157 -0.48 -6.03 34.89
C PRO A 157 -1.12 -6.98 35.90
N ILE A 158 -2.44 -7.16 35.81
CA ILE A 158 -3.14 -8.17 36.57
C ILE A 158 -3.66 -9.21 35.54
N GLY A 159 -3.36 -10.49 35.75
CA GLY A 159 -3.77 -11.52 34.79
C GLY A 159 -4.32 -12.80 35.40
N THR A 160 -4.54 -13.82 34.58
CA THR A 160 -4.97 -15.11 35.10
C THR A 160 -3.79 -16.10 35.05
N GLY A 161 -2.61 -15.65 34.60
CA GLY A 161 -1.47 -16.54 34.35
C GLY A 161 -0.79 -17.18 35.57
N PRO A 162 0.29 -17.99 35.35
CA PRO A 162 0.96 -18.69 36.47
C PRO A 162 1.78 -17.80 37.40
N TYR A 163 2.05 -16.58 36.95
CA TYR A 163 2.92 -15.70 37.70
C TYR A 163 2.35 -14.32 37.91
N LYS A 164 2.47 -13.83 39.14
CA LYS A 164 1.95 -12.52 39.52
C LYS A 164 3.07 -11.52 39.37
N PHE A 165 2.76 -10.34 38.84
CA PHE A 165 3.75 -9.26 38.66
C PHE A 165 4.17 -8.70 40.04
N VAL A 166 5.48 -8.57 40.26
CA VAL A 166 6.00 -7.97 41.50
C VAL A 166 6.62 -6.58 41.30
N LYS A 167 7.68 -6.49 40.51
CA LYS A 167 8.24 -5.18 40.23
C LYS A 167 9.06 -5.21 38.95
N TRP A 168 9.46 -4.03 38.53
CA TRP A 168 10.10 -3.91 37.22
C TRP A 168 11.16 -2.83 37.29
N LYS A 169 12.39 -3.21 37.03
CA LYS A 169 13.46 -2.23 36.94
C LYS A 169 13.75 -2.02 35.47
N LYS A 170 13.31 -0.88 34.94
CA LYS A 170 13.23 -0.68 33.50
C LYS A 170 14.54 -0.93 32.76
N GLY A 171 14.45 -1.72 31.69
CA GLY A 171 15.61 -2.09 30.88
C GLY A 171 16.48 -3.19 31.48
N GLU A 172 16.23 -3.52 32.75
CA GLU A 172 17.04 -4.49 33.48
C GLU A 172 16.34 -5.82 33.68
N TYR A 173 15.19 -5.81 34.36
CA TYR A 173 14.48 -7.04 34.64
C TYR A 173 13.04 -6.80 35.06
N VAL A 174 12.22 -7.85 34.98
CA VAL A 174 10.89 -7.84 35.58
C VAL A 174 10.89 -8.99 36.55
N GLU A 175 10.34 -8.78 37.76
CA GLU A 175 10.30 -9.83 38.79
C GLU A 175 8.86 -10.28 39.07
N PHE A 176 8.67 -11.60 39.18
CA PHE A 176 7.36 -12.20 39.41
C PHE A 176 7.38 -13.10 40.63
N LYS A 177 6.19 -13.41 41.14
CA LYS A 177 6.04 -14.46 42.14
C LYS A 177 4.93 -15.41 41.71
N ALA A 178 5.01 -16.66 42.17
CA ALA A 178 4.07 -17.69 41.75
C ALA A 178 2.62 -17.31 42.09
N ASN A 179 1.70 -17.69 41.20
CA ASN A 179 0.27 -17.53 41.41
C ASN A 179 -0.22 -18.73 42.20
N GLU A 180 -0.48 -18.52 43.50
CA GLU A 180 -0.80 -19.62 44.41
C GLU A 180 -2.21 -20.17 44.17
N HIS A 181 -3.02 -19.43 43.40
CA HIS A 181 -4.32 -19.90 42.94
C HIS A 181 -4.36 -20.02 41.43
N PHE A 182 -3.43 -20.78 40.86
CA PHE A 182 -3.36 -20.95 39.41
C PHE A 182 -4.17 -22.22 39.08
N TYR A 183 -5.25 -22.02 38.36
CA TYR A 183 -6.25 -23.07 38.09
C TYR A 183 -5.63 -24.28 37.37
N LEU A 184 -4.57 -24.02 36.62
CA LEU A 184 -4.02 -25.01 35.70
C LEU A 184 -3.13 -26.05 36.37
N ASP A 185 -2.33 -25.61 37.36
CA ASP A 185 -1.46 -26.46 38.14
C ASP A 185 -0.70 -25.65 39.21
N LYS A 186 0.04 -26.30 40.10
CA LYS A 186 0.80 -25.53 41.06
C LYS A 186 2.11 -25.06 40.41
N VAL A 187 2.43 -23.78 40.59
CA VAL A 187 3.68 -23.21 40.09
C VAL A 187 4.82 -23.67 41.03
N LYS A 188 5.87 -24.26 40.47
CA LYS A 188 6.84 -24.95 41.32
C LYS A 188 7.86 -24.02 41.98
N THR A 189 8.43 -23.10 41.20
CA THR A 189 9.39 -22.16 41.76
C THR A 189 8.69 -20.86 42.07
N PRO A 190 8.67 -20.50 43.36
CA PRO A 190 7.90 -19.35 43.86
C PRO A 190 8.37 -18.02 43.26
N ARG A 191 9.66 -17.88 43.00
CA ARG A 191 10.20 -16.61 42.53
C ARG A 191 10.80 -16.72 41.13
N LEU A 192 10.42 -15.80 40.24
CA LEU A 192 10.90 -15.81 38.85
C LEU A 192 11.29 -14.42 38.36
N ILE A 193 12.49 -14.33 37.80
CA ILE A 193 13.02 -13.07 37.28
C ILE A 193 13.46 -13.19 35.81
N ILE A 194 12.90 -12.34 34.95
CA ILE A 194 13.23 -12.28 33.54
C ILE A 194 14.16 -11.09 33.30
N LYS A 195 15.41 -11.41 33.03
CA LYS A 195 16.44 -10.40 32.89
C LYS A 195 16.62 -10.03 31.41
N HIS A 196 16.70 -8.73 31.16
CA HIS A 196 16.83 -8.27 29.79
C HIS A 196 18.27 -8.30 29.33
N ILE A 197 18.64 -9.32 28.55
CA ILE A 197 20.03 -9.38 28.02
C ILE A 197 19.99 -9.66 26.54
N PHE A 198 20.21 -8.60 25.73
CA PHE A 198 20.01 -8.75 24.29
C PHE A 198 21.30 -9.12 23.54
N ASP A 199 22.39 -9.30 24.27
CA ASP A 199 23.69 -9.71 23.69
C ASP A 199 24.12 -11.02 24.34
N PRO A 200 24.19 -12.13 23.56
CA PRO A 200 24.47 -13.48 24.06
C PRO A 200 25.89 -13.63 24.65
N SER A 201 26.82 -12.76 24.29
CA SER A 201 28.13 -12.85 24.91
C SER A 201 28.01 -12.42 26.38
N ILE A 202 27.07 -11.51 26.65
CA ILE A 202 26.84 -11.09 28.03
C ILE A 202 26.05 -12.16 28.76
N ALA A 203 25.05 -12.76 28.09
CA ALA A 203 24.30 -13.87 28.66
C ALA A 203 25.24 -15.01 29.03
N SER A 204 26.16 -15.30 28.12
CA SER A 204 27.10 -16.39 28.28
C SER A 204 27.89 -16.20 29.56
N ALA A 205 28.35 -14.97 29.77
CA ALA A 205 29.16 -14.64 30.93
C ALA A 205 28.38 -14.76 32.21
N GLU A 206 27.09 -14.39 32.15
CA GLU A 206 26.28 -14.42 33.34
C GLU A 206 25.88 -15.86 33.69
N LEU A 207 25.81 -16.73 32.69
CA LEU A 207 25.68 -18.14 33.02
C LEU A 207 26.91 -18.57 33.80
N LYS A 208 28.08 -18.23 33.25
CA LYS A 208 29.35 -18.66 33.84
C LYS A 208 29.58 -18.12 35.24
N ASN A 209 29.22 -16.87 35.51
CA ASN A 209 29.47 -16.36 36.87
C ASN A 209 28.24 -16.49 37.80
N GLY A 210 27.25 -17.28 37.38
CA GLY A 210 26.11 -17.62 38.21
C GLY A 210 25.09 -16.52 38.45
N LYS A 211 25.09 -15.52 37.59
CA LYS A 211 24.11 -14.43 37.71
C LYS A 211 22.74 -14.78 37.13
N ILE A 212 22.71 -15.77 36.24
CA ILE A 212 21.44 -16.24 35.67
C ILE A 212 21.46 -17.77 35.59
N ASP A 213 20.27 -18.37 35.51
CA ASP A 213 20.11 -19.81 35.49
C ASP A 213 20.05 -20.39 34.09
N ALA A 214 19.62 -19.58 33.13
CA ALA A 214 19.35 -20.04 31.77
C ALA A 214 19.32 -18.89 30.81
N ALA A 215 19.71 -19.19 29.56
CA ALA A 215 19.63 -18.24 28.44
C ALA A 215 19.69 -19.00 27.12
N LEU A 216 19.11 -18.42 26.05
CA LEU A 216 19.43 -18.96 24.71
C LEU A 216 20.77 -18.39 24.29
N ILE A 217 21.63 -19.26 23.78
CA ILE A 217 23.01 -18.89 23.43
C ILE A 217 23.37 -19.15 21.96
N ASP A 218 23.85 -18.12 21.27
CA ASP A 218 24.25 -18.31 19.88
C ASP A 218 25.27 -19.44 19.68
N VAL A 219 25.12 -20.16 18.56
CA VAL A 219 25.98 -21.28 18.26
C VAL A 219 27.47 -20.86 18.28
N SER A 220 27.77 -19.58 18.05
CA SER A 220 29.15 -19.12 18.02
C SER A 220 29.80 -19.13 19.40
N LEU A 221 28.99 -19.30 20.43
CA LEU A 221 29.47 -19.22 21.79
C LEU A 221 29.32 -20.51 22.55
N LEU A 222 28.82 -21.57 21.91
CA LEU A 222 28.46 -22.81 22.60
C LEU A 222 29.69 -23.59 23.07
N ASN A 223 30.80 -23.31 22.42
CA ASN A 223 32.00 -24.04 22.77
C ASN A 223 32.41 -23.85 24.23
N ILE A 224 32.13 -22.69 24.82
CA ILE A 224 32.55 -22.56 26.21
C ILE A 224 31.58 -23.25 27.19
N PHE A 225 30.50 -23.88 26.70
CA PHE A 225 29.57 -24.66 27.57
C PHE A 225 29.60 -26.18 27.30
N LYS A 226 30.03 -26.60 26.11
CA LYS A 226 29.98 -28.02 25.73
C LYS A 226 30.82 -28.91 26.65
N ASN A 227 31.86 -28.36 27.28
CA ASN A 227 32.68 -29.21 28.15
C ASN A 227 32.56 -28.84 29.64
N ASP A 228 31.53 -28.08 29.98
CA ASP A 228 31.28 -27.62 31.34
C ASP A 228 30.12 -28.41 31.94
N GLU A 229 30.45 -29.29 32.87
CA GLU A 229 29.45 -30.19 33.48
C GLU A 229 28.42 -29.42 34.30
N ASN A 230 28.68 -28.14 34.56
CA ASN A 230 27.74 -27.38 35.37
C ASN A 230 26.52 -26.99 34.58
N PHE A 231 26.56 -27.19 33.26
CA PHE A 231 25.49 -26.79 32.38
C PHE A 231 25.01 -27.90 31.46
N GLY A 232 23.73 -27.83 31.11
CA GLY A 232 23.17 -28.65 30.05
C GLY A 232 22.89 -27.80 28.81
N ILE A 233 22.72 -28.43 27.66
CA ILE A 233 22.38 -27.72 26.42
C ILE A 233 21.26 -28.46 25.73
N LEU A 234 20.09 -27.85 25.66
CA LEU A 234 18.94 -28.42 24.99
C LEU A 234 18.81 -27.83 23.60
N ARG A 235 18.87 -28.67 22.57
CA ARG A 235 18.71 -28.21 21.19
C ARG A 235 17.24 -28.11 20.88
N GLU A 236 16.79 -26.92 20.46
CA GLU A 236 15.35 -26.70 20.19
C GLU A 236 15.15 -26.38 18.70
N LYS A 237 14.20 -27.06 18.06
CA LYS A 237 13.84 -26.77 16.67
C LYS A 237 13.03 -25.50 16.66
N SER A 238 12.98 -24.78 15.53
CA SER A 238 12.15 -23.57 15.51
C SER A 238 11.66 -23.27 14.11
N ALA A 239 10.66 -22.41 14.04
CA ALA A 239 10.13 -21.94 12.75
C ALA A 239 10.75 -20.58 12.42
N ASP A 240 11.78 -20.22 13.16
CA ASP A 240 12.43 -18.92 13.02
C ASP A 240 13.44 -18.92 11.86
N TYR A 241 13.30 -17.99 10.90
CA TYR A 241 14.32 -17.89 9.81
C TYR A 241 15.03 -16.54 9.79
N ARG A 242 16.23 -16.48 9.19
CA ARG A 242 16.95 -15.24 8.96
C ARG A 242 16.96 -14.99 7.45
N ALA A 243 16.94 -13.71 7.09
CA ALA A 243 16.88 -13.30 5.67
C ALA A 243 17.43 -11.91 5.53
N LEU A 244 17.86 -11.53 4.30
CA LEU A 244 18.11 -10.14 3.98
C LEU A 244 16.77 -9.52 3.54
N MET A 245 16.33 -8.49 4.27
CA MET A 245 15.11 -7.71 3.90
C MET A 245 15.53 -6.66 2.89
N PHE A 246 14.97 -6.67 1.67
CA PHE A 246 15.14 -5.56 0.72
C PHE A 246 14.22 -4.42 1.06
N ASN A 247 14.75 -3.20 1.07
CA ASN A 247 13.88 -2.05 1.17
C ASN A 247 13.47 -1.68 -0.25
N LEU A 248 12.18 -1.78 -0.53
CA LEU A 248 11.75 -1.61 -1.92
C LEU A 248 11.70 -0.15 -2.31
N ASP A 249 11.88 0.80 -1.36
CA ASP A 249 11.99 2.21 -1.71
C ASP A 249 13.39 2.51 -2.35
N ASN A 250 14.35 1.62 -2.14
CA ASN A 250 15.73 1.88 -2.64
C ASN A 250 15.78 1.83 -4.16
N GLU A 251 16.49 2.78 -4.80
CA GLU A 251 16.44 2.90 -6.28
C GLU A 251 16.96 1.64 -7.00
N PHE A 252 17.91 0.93 -6.38
CA PHE A 252 18.42 -0.27 -7.00
C PHE A 252 17.61 -1.47 -6.59
N LEU A 253 17.37 -1.62 -5.29
CA LEU A 253 16.69 -2.80 -4.79
C LEU A 253 15.22 -2.87 -5.27
N LYS A 254 14.60 -1.75 -5.66
CA LYS A 254 13.24 -1.90 -6.16
C LYS A 254 13.17 -2.78 -7.43
N ASP A 255 14.28 -2.84 -8.16
CA ASP A 255 14.32 -3.52 -9.44
C ASP A 255 14.30 -5.04 -9.31
N LEU A 256 13.32 -5.64 -9.95
CA LEU A 256 13.13 -7.10 -9.86
C LEU A 256 14.40 -7.88 -10.24
N LYS A 257 15.01 -7.50 -11.35
CA LYS A 257 16.23 -8.19 -11.80
C LYS A 257 17.35 -8.06 -10.78
N VAL A 258 17.45 -6.92 -10.13
CA VAL A 258 18.50 -6.71 -9.12
C VAL A 258 18.26 -7.63 -7.90
N ARG A 259 17.02 -7.70 -7.43
CA ARG A 259 16.73 -8.54 -6.29
C ARG A 259 16.91 -10.02 -6.64
N GLN A 260 16.56 -10.42 -7.87
CA GLN A 260 16.80 -11.80 -8.25
C GLN A 260 18.33 -12.06 -8.34
N ALA A 261 19.04 -11.11 -8.88
CA ALA A 261 20.49 -11.28 -9.03
C ALA A 261 21.15 -11.47 -7.65
N LEU A 262 20.76 -10.65 -6.67
CA LEU A 262 21.34 -10.76 -5.33
C LEU A 262 21.02 -12.12 -4.70
N ASN A 263 19.85 -12.67 -4.99
CA ASN A 263 19.53 -14.02 -4.53
C ASN A 263 20.46 -15.07 -5.17
N TYR A 264 20.67 -14.99 -6.49
CA TYR A 264 21.55 -15.95 -7.19
C TYR A 264 23.00 -15.84 -6.75
N ALA A 265 23.34 -14.71 -6.12
CA ALA A 265 24.71 -14.42 -5.76
C ALA A 265 25.16 -15.12 -4.47
N VAL A 266 24.22 -15.52 -3.64
CA VAL A 266 24.58 -16.02 -2.30
C VAL A 266 24.64 -17.56 -2.25
N ASP A 267 25.76 -18.11 -1.81
CA ASP A 267 25.90 -19.55 -1.64
C ASP A 267 25.40 -19.93 -0.25
N LYS A 268 24.09 -20.18 -0.18
CA LYS A 268 23.43 -20.46 1.09
C LYS A 268 23.91 -21.78 1.69
N GLU A 269 24.22 -22.77 0.86
CA GLU A 269 24.70 -24.04 1.41
C GLU A 269 25.98 -23.83 2.22
N SER A 270 26.87 -22.99 1.72
CA SER A 270 28.12 -22.72 2.41
C SER A 270 27.92 -22.02 3.76
N ILE A 271 26.93 -21.12 3.84
CA ILE A 271 26.64 -20.40 5.07
C ILE A 271 26.18 -21.32 6.19
N VAL A 272 25.22 -22.17 5.88
CA VAL A 272 24.69 -23.07 6.88
C VAL A 272 25.74 -24.09 7.31
N LYS A 273 26.47 -24.61 6.34
CA LYS A 273 27.53 -25.55 6.62
C LYS A 273 28.57 -24.91 7.53
N ASN A 274 29.03 -23.73 7.16
CA ASN A 274 30.21 -23.17 7.81
C ASN A 274 29.95 -22.24 8.98
N LEU A 275 29.09 -21.24 8.80
CA LEU A 275 28.84 -20.31 9.88
C LEU A 275 27.99 -20.92 11.00
N LEU A 276 26.96 -21.64 10.59
CA LEU A 276 25.90 -22.05 11.51
C LEU A 276 26.08 -23.44 12.00
N HIS A 277 27.12 -24.11 11.49
CA HIS A 277 27.58 -25.40 12.02
C HIS A 277 26.45 -26.39 12.11
N ASP A 278 25.58 -26.38 11.11
CA ASP A 278 24.42 -27.28 11.06
C ASP A 278 23.48 -27.17 12.30
N TYR A 279 23.46 -26.00 12.91
CA TYR A 279 22.41 -25.57 13.83
C TYR A 279 21.37 -24.80 13.02
N ALA A 280 21.24 -25.17 11.75
CA ALA A 280 20.39 -24.43 10.82
C ALA A 280 20.13 -25.23 9.55
N PHE A 281 19.11 -24.85 8.78
CA PHE A 281 18.95 -25.43 7.46
C PHE A 281 18.66 -24.28 6.48
N VAL A 282 19.04 -24.48 5.23
CA VAL A 282 18.86 -23.44 4.21
C VAL A 282 17.37 -23.09 4.07
N ALA A 283 17.04 -21.78 4.09
CA ALA A 283 15.71 -21.26 3.88
C ALA A 283 15.51 -20.72 2.46
N ASN A 284 14.29 -20.86 1.96
CA ASN A 284 13.88 -20.37 0.65
C ASN A 284 12.56 -19.64 0.72
N HIS A 285 11.75 -19.97 1.72
CA HIS A 285 10.47 -19.24 1.86
C HIS A 285 10.00 -19.31 3.33
N PRO A 286 8.91 -18.59 3.69
CA PRO A 286 8.73 -18.36 5.13
C PRO A 286 7.83 -19.36 5.85
N LEU A 287 7.48 -20.44 5.17
CA LEU A 287 6.56 -21.41 5.76
C LEU A 287 7.07 -22.85 5.71
N GLU A 288 8.39 -23.04 5.81
CA GLU A 288 9.00 -24.38 5.60
C GLU A 288 8.95 -25.33 6.81
N ARG A 289 8.36 -24.84 7.91
CA ARG A 289 8.06 -25.71 9.04
C ARG A 289 6.56 -25.77 9.28
N SER A 290 5.80 -25.31 8.29
CA SER A 290 4.33 -25.31 8.34
C SER A 290 3.65 -26.44 7.56
N TRP A 291 2.42 -26.80 7.95
CA TRP A 291 1.61 -27.70 7.12
C TRP A 291 1.32 -27.03 5.77
N ALA A 292 1.37 -25.70 5.78
CA ALA A 292 1.11 -24.88 4.60
C ALA A 292 2.23 -24.95 3.55
N ASN A 293 3.36 -25.57 3.88
CA ASN A 293 4.48 -25.64 2.95
C ASN A 293 4.09 -26.41 1.69
N SER A 294 4.31 -25.79 0.54
CA SER A 294 3.95 -26.44 -0.73
C SER A 294 4.92 -27.57 -1.11
N LYS A 295 6.11 -27.52 -0.51
CA LYS A 295 7.14 -28.56 -0.68
C LYS A 295 7.61 -28.78 -2.12
N ASN A 296 6.87 -28.28 -3.10
CA ASN A 296 7.36 -28.27 -4.46
C ASN A 296 7.31 -26.88 -5.04
N PHE A 297 8.39 -26.15 -4.82
CA PHE A 297 8.47 -24.75 -5.21
C PHE A 297 9.80 -24.49 -5.90
N LYS A 298 9.84 -23.36 -6.62
CA LYS A 298 11.02 -22.89 -7.31
C LYS A 298 12.00 -22.25 -6.32
N ILE A 299 13.30 -22.29 -6.63
CA ILE A 299 14.28 -21.59 -5.80
C ILE A 299 15.35 -20.90 -6.63
N TYR A 300 16.03 -19.97 -5.97
CA TYR A 300 17.20 -19.33 -6.54
C TYR A 300 18.42 -20.15 -6.15
N LYS A 301 18.85 -21.07 -7.02
CA LYS A 301 20.11 -21.79 -6.78
C LYS A 301 21.29 -20.82 -6.78
N TYR A 302 22.36 -21.17 -6.08
CA TYR A 302 23.56 -20.35 -6.11
C TYR A 302 24.13 -20.35 -7.54
N ASP A 303 24.12 -19.21 -8.22
CA ASP A 303 24.57 -19.11 -9.63
C ASP A 303 25.06 -17.68 -9.93
N PRO A 304 26.33 -17.42 -9.61
CA PRO A 304 26.98 -16.13 -9.78
C PRO A 304 26.92 -15.64 -11.22
N LYS A 305 26.99 -16.57 -12.17
CA LYS A 305 26.97 -16.20 -13.59
C LYS A 305 25.63 -15.64 -13.95
N LYS A 306 24.58 -16.28 -13.45
CA LYS A 306 23.22 -15.82 -13.71
C LYS A 306 22.99 -14.47 -13.08
N ALA A 307 23.54 -14.27 -11.87
CA ALA A 307 23.41 -12.97 -11.19
C ALA A 307 23.96 -11.89 -12.12
N GLU A 308 25.19 -12.09 -12.63
CA GLU A 308 25.79 -11.10 -13.51
C GLU A 308 24.98 -10.91 -14.80
N ASP A 309 24.51 -11.99 -15.41
CA ASP A 309 23.69 -11.88 -16.60
C ASP A 309 22.43 -11.03 -16.34
N LEU A 310 21.86 -11.17 -15.13
CA LEU A 310 20.68 -10.43 -14.77
C LEU A 310 20.99 -8.95 -14.60
N LEU A 311 22.11 -8.64 -13.98
CA LEU A 311 22.47 -7.21 -13.80
C LEU A 311 22.79 -6.57 -15.19
N VAL A 312 23.44 -7.29 -16.09
CA VAL A 312 23.65 -6.75 -17.46
C VAL A 312 22.27 -6.46 -18.07
N SER A 313 21.38 -7.44 -17.96
CA SER A 313 20.03 -7.31 -18.48
C SER A 313 19.29 -6.12 -17.89
N ALA A 314 19.59 -5.76 -16.66
CA ALA A 314 18.91 -4.63 -16.02
C ALA A 314 19.55 -3.32 -16.40
N GLY A 315 20.57 -3.40 -17.25
CA GLY A 315 21.18 -2.22 -17.83
C GLY A 315 22.49 -1.80 -17.16
N PHE A 316 22.97 -2.59 -16.22
CA PHE A 316 24.23 -2.29 -15.53
C PHE A 316 25.44 -2.80 -16.32
N LYS A 317 26.59 -2.16 -16.12
CA LYS A 317 27.82 -2.58 -16.80
C LYS A 317 28.97 -2.47 -15.83
N LYS A 318 29.84 -3.49 -15.75
CA LYS A 318 31.02 -3.42 -14.88
C LYS A 318 31.95 -2.27 -15.28
N ASN A 319 32.25 -1.38 -14.35
CA ASN A 319 33.12 -0.28 -14.74
C ASN A 319 34.60 -0.75 -14.65
N LYS A 320 35.54 0.19 -14.75
CA LYS A 320 36.95 -0.13 -14.71
C LYS A 320 37.40 -0.77 -13.40
N ASP A 321 36.60 -0.58 -12.33
CA ASP A 321 36.89 -1.16 -11.02
C ASP A 321 36.25 -2.50 -10.80
N GLY A 322 35.55 -2.99 -11.81
CA GLY A 322 34.86 -4.26 -11.76
C GLY A 322 33.50 -4.15 -11.08
N ASN A 323 33.03 -2.92 -10.85
CA ASN A 323 31.74 -2.71 -10.18
C ASN A 323 30.63 -2.34 -11.14
N PHE A 324 29.49 -3.00 -11.01
CA PHE A 324 28.36 -2.72 -11.87
C PHE A 324 27.89 -1.28 -11.68
N GLU A 325 27.60 -0.66 -12.80
CA GLU A 325 27.30 0.76 -12.86
C GLU A 325 26.22 0.99 -13.91
N LYS A 326 25.34 1.94 -13.61
CA LYS A 326 24.35 2.36 -14.60
C LYS A 326 24.14 3.85 -14.52
N ASP A 327 24.23 4.52 -15.66
CA ASP A 327 24.01 5.95 -15.74
C ASP A 327 24.87 6.71 -14.73
N GLY A 328 26.15 6.33 -14.65
CA GLY A 328 27.06 7.03 -13.78
C GLY A 328 26.97 6.64 -12.31
N LYS A 329 26.07 5.71 -11.94
CA LYS A 329 25.92 5.30 -10.53
C LYS A 329 26.28 3.84 -10.31
N ILE A 330 27.20 3.54 -9.39
CA ILE A 330 27.47 2.11 -9.14
C ILE A 330 26.34 1.50 -8.31
N LEU A 331 26.04 0.23 -8.58
CA LEU A 331 25.03 -0.50 -7.85
C LEU A 331 25.58 -0.77 -6.45
N GLU A 332 25.14 0.04 -5.47
CA GLU A 332 25.60 -0.09 -4.09
C GLU A 332 24.50 0.27 -3.10
N PHE A 333 24.63 -0.23 -1.86
CA PHE A 333 23.60 0.00 -0.86
C PHE A 333 24.10 -0.46 0.51
N GLU A 334 23.38 -0.12 1.58
CA GLU A 334 23.85 -0.52 2.91
C GLU A 334 23.17 -1.77 3.39
N ILE A 335 23.90 -2.59 4.15
CA ILE A 335 23.30 -3.76 4.80
C ILE A 335 23.37 -3.56 6.31
N TRP A 336 22.23 -3.46 6.99
CA TRP A 336 22.23 -3.17 8.42
C TRP A 336 22.01 -4.44 9.25
N ALA A 337 22.74 -4.58 10.36
CA ALA A 337 22.58 -5.74 11.24
C ALA A 337 22.52 -5.28 12.67
N MET A 338 21.72 -6.00 13.48
CA MET A 338 21.75 -5.81 14.93
C MET A 338 23.13 -6.17 15.47
N SER A 339 23.87 -5.18 16.01
CA SER A 339 25.26 -5.40 16.43
C SER A 339 25.39 -6.29 17.66
N ASN A 340 24.29 -6.41 18.43
CA ASN A 340 24.26 -7.29 19.61
C ASN A 340 23.99 -8.74 19.24
N ASP A 341 23.72 -8.99 17.95
CA ASP A 341 23.48 -10.37 17.49
C ASP A 341 24.62 -10.85 16.56
N PRO A 342 25.49 -11.74 17.08
CA PRO A 342 26.70 -12.10 16.35
C PRO A 342 26.36 -12.85 15.08
N LEU A 343 25.23 -13.55 15.07
CA LEU A 343 24.82 -14.31 13.90
C LEU A 343 24.49 -13.37 12.74
N ARG A 344 23.77 -12.31 13.07
CA ARG A 344 23.36 -11.35 12.04
C ARG A 344 24.53 -10.53 11.54
N VAL A 345 25.44 -10.13 12.45
CA VAL A 345 26.66 -9.45 12.03
C VAL A 345 27.47 -10.32 11.08
N SER A 346 27.62 -11.60 11.42
CA SER A 346 28.37 -12.52 10.56
C SER A 346 27.70 -12.65 9.21
N LEU A 347 26.38 -12.81 9.22
CA LEU A 347 25.64 -12.88 7.98
C LEU A 347 25.74 -11.65 7.09
N ALA A 348 25.70 -10.44 7.68
CA ALA A 348 25.82 -9.20 6.92
C ALA A 348 27.21 -9.14 6.26
N GLY A 349 28.23 -9.60 6.99
CA GLY A 349 29.59 -9.72 6.47
C GLY A 349 29.71 -10.69 5.30
N ILE A 350 29.04 -11.82 5.38
CA ILE A 350 29.10 -12.84 4.34
C ILE A 350 28.37 -12.32 3.07
N LEU A 351 27.19 -11.71 3.26
CA LEU A 351 26.48 -11.14 2.11
C LEU A 351 27.34 -10.11 1.36
N GLN A 352 28.00 -9.22 2.12
CA GLN A 352 28.86 -8.20 1.54
C GLN A 352 29.97 -8.84 0.70
N SER A 353 30.54 -9.92 1.22
CA SER A 353 31.53 -10.72 0.53
C SER A 353 30.98 -11.36 -0.75
N GLU A 354 29.81 -11.98 -0.66
CA GLU A 354 29.14 -12.64 -1.80
C GLU A 354 28.82 -11.64 -2.90
N PHE A 355 28.36 -10.46 -2.50
CA PHE A 355 27.99 -9.45 -3.49
C PHE A 355 29.21 -8.87 -4.17
N ARG A 356 30.26 -8.69 -3.38
CA ARG A 356 31.51 -8.14 -3.92
C ARG A 356 32.03 -9.01 -5.03
N LYS A 357 31.82 -10.32 -4.91
CA LYS A 357 32.29 -11.25 -5.93
C LYS A 357 31.67 -11.01 -7.31
N ILE A 358 30.45 -10.50 -7.37
CA ILE A 358 29.79 -10.24 -8.65
C ILE A 358 29.76 -8.74 -8.99
N GLY A 359 30.61 -7.94 -8.37
CA GLY A 359 30.69 -6.52 -8.71
C GLY A 359 29.59 -5.64 -8.10
N VAL A 360 28.99 -6.09 -7.01
CA VAL A 360 28.02 -5.27 -6.28
C VAL A 360 28.66 -4.75 -5.00
N VAL A 361 28.72 -3.43 -4.87
CA VAL A 361 29.34 -2.81 -3.71
C VAL A 361 28.32 -2.66 -2.59
N SER A 362 28.73 -2.95 -1.35
CA SER A 362 27.83 -2.75 -0.20
C SER A 362 28.62 -2.40 1.06
N LYS A 363 27.93 -1.78 2.01
CA LYS A 363 28.54 -1.32 3.24
C LYS A 363 27.85 -1.94 4.42
N VAL A 364 28.58 -2.59 5.32
CA VAL A 364 27.89 -3.20 6.47
C VAL A 364 27.77 -2.18 7.61
N VAL A 365 26.55 -2.00 8.11
CA VAL A 365 26.36 -1.05 9.20
C VAL A 365 25.76 -1.82 10.40
N ALA A 366 26.53 -1.97 11.46
CA ALA A 366 26.07 -2.77 12.62
C ALA A 366 25.80 -1.82 13.78
N LYS A 367 24.55 -1.76 14.25
CA LYS A 367 24.16 -0.89 15.37
C LYS A 367 23.25 -1.71 16.32
N PRO A 368 23.12 -1.29 17.59
CA PRO A 368 22.34 -2.07 18.57
C PRO A 368 20.86 -2.17 18.21
N ALA A 369 20.27 -3.36 18.33
CA ALA A 369 18.82 -3.55 18.13
C ALA A 369 18.07 -2.45 18.85
N GLY A 370 17.03 -1.93 18.21
CA GLY A 370 16.20 -0.90 18.84
C GLY A 370 16.79 0.52 18.78
N SER A 371 17.96 0.68 18.18
CA SER A 371 18.56 2.03 18.18
C SER A 371 18.36 2.78 16.83
N PHE A 372 17.80 2.09 15.83
CA PHE A 372 17.54 2.68 14.51
C PHE A 372 16.26 2.07 13.96
N ASP A 373 15.69 2.75 12.97
CA ASP A 373 14.41 2.35 12.37
C ASP A 373 14.67 1.35 11.25
N TYR A 374 14.25 0.11 11.47
CA TYR A 374 14.54 -0.96 10.55
C TYR A 374 13.89 -0.79 9.17
N SER A 375 12.84 0.04 9.09
CA SER A 375 12.11 0.23 7.85
C SER A 375 12.71 1.39 7.06
N LYS A 376 13.76 2.04 7.58
CA LYS A 376 14.34 3.20 6.90
C LYS A 376 15.78 2.94 6.39
N VAL A 377 16.18 1.66 6.32
CA VAL A 377 17.52 1.28 5.83
C VAL A 377 17.42 0.54 4.52
N ASP A 378 18.49 0.56 3.69
CA ASP A 378 18.40 -0.05 2.37
C ASP A 378 18.10 -1.52 2.43
N SER A 379 18.73 -2.19 3.40
CA SER A 379 18.45 -3.59 3.63
C SER A 379 18.82 -3.93 5.07
N PHE A 380 18.29 -5.03 5.54
CA PHE A 380 18.30 -5.33 6.98
C PHE A 380 18.35 -6.85 7.18
N LEU A 381 19.23 -7.33 8.07
CA LEU A 381 19.35 -8.75 8.34
C LEU A 381 18.20 -9.09 9.32
N ILE A 382 17.08 -9.50 8.75
CA ILE A 382 15.76 -9.60 9.42
C ILE A 382 15.46 -11.05 9.83
N GLY A 383 14.41 -11.28 10.67
CA GLY A 383 14.09 -12.65 11.00
C GLY A 383 12.56 -12.63 11.35
N TRP A 384 11.84 -13.73 11.11
CA TRP A 384 10.40 -13.89 11.53
C TRP A 384 10.15 -15.36 11.65
N GLY A 385 8.97 -15.75 12.16
CA GLY A 385 8.63 -17.15 12.11
C GLY A 385 7.80 -17.59 13.32
N SER A 386 6.77 -18.38 13.10
CA SER A 386 5.88 -18.82 14.21
C SER A 386 5.55 -20.26 13.95
N PRO A 387 5.50 -21.07 15.01
CA PRO A 387 5.10 -22.46 14.86
C PRO A 387 3.56 -22.56 14.83
N LEU A 388 2.89 -21.47 15.10
CA LEU A 388 1.40 -21.51 15.06
C LEU A 388 0.86 -21.37 13.63
N ASP A 389 -0.42 -21.01 13.49
CA ASP A 389 -1.04 -20.89 12.18
C ASP A 389 -0.23 -20.07 11.18
N PRO A 390 -0.12 -20.56 9.94
CA PRO A 390 0.71 -19.86 8.94
C PRO A 390 0.35 -18.41 8.68
N ASP A 391 -0.85 -17.97 9.07
CA ASP A 391 -1.25 -16.58 8.92
C ASP A 391 -0.41 -15.64 9.77
N PHE A 392 0.03 -16.08 10.96
CA PHE A 392 0.50 -15.10 11.98
C PHE A 392 1.80 -14.34 11.66
N HIS A 393 2.78 -15.00 11.04
CA HIS A 393 3.92 -14.17 10.62
C HIS A 393 3.94 -14.00 9.09
N THR A 394 2.78 -14.05 8.45
CA THR A 394 2.83 -13.74 7.04
C THR A 394 1.98 -12.56 6.72
N PHE A 395 0.78 -12.47 7.32
CA PHE A 395 -0.06 -11.35 6.98
C PHE A 395 0.56 -9.97 7.39
N ARG A 396 1.01 -9.83 8.62
CA ARG A 396 1.54 -8.51 9.02
C ARG A 396 2.90 -8.25 8.36
N VAL A 397 3.49 -9.31 7.81
CA VAL A 397 4.89 -9.16 7.28
C VAL A 397 4.96 -8.80 5.77
N PHE A 398 4.08 -9.39 4.97
CA PHE A 398 4.14 -9.30 3.48
C PHE A 398 2.97 -8.55 2.87
N GLU A 399 1.85 -8.49 3.58
CA GLU A 399 0.70 -7.90 2.92
C GLU A 399 0.78 -6.39 2.81
N SER A 400 0.26 -5.86 1.68
CA SER A 400 0.43 -4.43 1.39
C SER A 400 -0.07 -3.48 2.45
N SER A 401 -1.26 -3.77 3.06
CA SER A 401 -1.79 -2.83 4.04
C SER A 401 -0.98 -2.79 5.34
N GLN A 402 -0.01 -3.67 5.44
CA GLN A 402 0.78 -3.82 6.64
C GLN A 402 2.17 -3.21 6.47
N ASP A 403 2.36 -2.51 5.35
CA ASP A 403 3.47 -1.62 5.16
C ASP A 403 3.57 -0.66 6.36
N SER A 404 4.73 -0.66 7.02
CA SER A 404 4.85 0.07 8.28
C SER A 404 4.97 1.57 8.12
N ALA A 405 5.17 2.05 6.89
CA ALA A 405 5.17 3.50 6.68
C ALA A 405 3.73 4.03 6.76
N LEU A 406 2.76 3.15 6.51
CA LEU A 406 1.33 3.54 6.57
C LEU A 406 0.61 3.04 7.85
N ASN A 407 1.03 1.89 8.32
CA ASN A 407 0.32 1.14 9.37
C ASN A 407 1.24 1.02 10.57
N ASP A 408 0.97 1.76 11.63
CA ASP A 408 1.84 1.72 12.80
C ASP A 408 2.01 0.32 13.39
N GLU A 409 1.08 -0.58 13.12
CA GLU A 409 1.19 -1.93 13.65
C GLU A 409 1.45 -2.94 12.55
N GLY A 410 1.94 -2.48 11.38
CA GLY A 410 2.27 -3.45 10.34
C GLY A 410 3.75 -3.87 10.53
N TRP A 411 4.10 -5.05 10.04
CA TRP A 411 5.45 -5.57 10.19
C TRP A 411 6.17 -5.64 8.83
N ASN A 412 5.54 -5.05 7.81
CA ASN A 412 6.09 -5.05 6.47
C ASN A 412 7.10 -3.92 6.35
N PHE A 413 8.31 -4.14 6.87
CA PHE A 413 9.24 -3.09 7.03
C PHE A 413 9.98 -2.70 5.74
N GLY A 414 9.97 -3.59 4.73
CA GLY A 414 10.60 -3.34 3.43
C GLY A 414 9.68 -2.66 2.45
N HIS A 415 8.43 -2.42 2.85
CA HIS A 415 7.47 -1.70 1.99
C HIS A 415 7.20 -2.49 0.75
N TYR A 416 7.00 -3.78 0.96
CA TYR A 416 6.76 -4.72 -0.14
C TYR A 416 5.30 -4.69 -0.57
N HIS A 417 5.02 -4.49 -1.86
CA HIS A 417 3.60 -4.47 -2.35
C HIS A 417 3.47 -5.42 -3.52
N ASP A 418 2.82 -6.56 -3.34
CA ASP A 418 2.61 -7.53 -4.44
C ASP A 418 1.17 -7.98 -4.48
N LYS A 419 0.52 -7.81 -5.64
CA LYS A 419 -0.89 -8.15 -5.71
C LYS A 419 -1.17 -9.65 -5.52
N LYS A 420 -0.35 -10.52 -6.13
CA LYS A 420 -0.62 -11.95 -6.00
C LYS A 420 -0.39 -12.39 -4.54
N VAL A 421 0.61 -11.81 -3.87
CA VAL A 421 0.78 -12.12 -2.46
C VAL A 421 -0.43 -11.65 -1.64
N ASP A 422 -0.86 -10.40 -1.85
CA ASP A 422 -2.01 -9.89 -1.08
C ASP A 422 -3.22 -10.78 -1.21
N ILE A 423 -3.52 -11.19 -2.45
CA ILE A 423 -4.69 -12.00 -2.74
C ILE A 423 -4.59 -13.42 -2.15
N ALA A 424 -3.41 -13.97 -2.22
CA ALA A 424 -3.17 -15.31 -1.76
C ALA A 424 -3.36 -15.39 -0.25
N LEU A 425 -2.76 -14.46 0.48
CA LEU A 425 -2.86 -14.49 1.93
C LEU A 425 -4.26 -14.19 2.43
N GLN A 426 -4.96 -13.35 1.70
CA GLN A 426 -6.34 -13.00 2.09
C GLN A 426 -7.22 -14.17 1.90
N LYS A 427 -7.14 -14.82 0.74
CA LYS A 427 -7.94 -16.04 0.54
C LYS A 427 -7.55 -17.10 1.54
N ALA A 428 -6.26 -17.30 1.70
CA ALA A 428 -5.77 -18.38 2.56
C ALA A 428 -6.31 -18.30 3.99
N ARG A 429 -6.35 -17.09 4.54
CA ARG A 429 -6.72 -16.90 5.95
C ARG A 429 -8.24 -16.94 6.16
N ASN A 430 -8.99 -16.68 5.09
CA ASN A 430 -10.47 -16.73 5.20
C ASN A 430 -11.14 -17.92 4.53
N THR A 431 -10.42 -19.02 4.32
CA THR A 431 -11.01 -20.25 3.79
C THR A 431 -10.90 -21.38 4.80
N SER A 432 -12.01 -22.06 5.09
CA SER A 432 -12.05 -23.13 6.09
C SER A 432 -11.40 -24.46 5.66
N ASN A 433 -11.60 -24.87 4.40
CA ASN A 433 -11.11 -26.17 3.95
C ASN A 433 -9.58 -26.23 3.90
N LEU A 434 -9.00 -27.15 4.66
CA LEU A 434 -7.53 -27.23 4.79
C LEU A 434 -6.85 -27.31 3.44
N GLU A 435 -7.40 -28.12 2.52
CA GLU A 435 -6.74 -28.34 1.23
C GLU A 435 -6.77 -27.08 0.36
N GLU A 436 -7.86 -26.35 0.49
CA GLU A 436 -7.97 -25.07 -0.17
C GLU A 436 -6.93 -24.11 0.38
N ARG A 437 -6.82 -24.05 1.71
CA ARG A 437 -5.82 -23.22 2.39
C ARG A 437 -4.43 -23.52 1.84
N LYS A 438 -4.12 -24.81 1.71
CA LYS A 438 -2.80 -25.18 1.23
C LYS A 438 -2.58 -24.66 -0.18
N LYS A 439 -3.63 -24.69 -1.00
CA LYS A 439 -3.57 -24.19 -2.38
C LYS A 439 -3.18 -22.72 -2.42
N TYR A 440 -3.85 -21.92 -1.60
CA TYR A 440 -3.60 -20.49 -1.55
C TYR A 440 -2.20 -20.17 -0.99
N TYR A 441 -1.78 -20.93 0.03
CA TYR A 441 -0.42 -20.77 0.55
C TYR A 441 0.57 -21.17 -0.54
N LYS A 442 0.23 -22.16 -1.38
CA LYS A 442 1.13 -22.43 -2.51
C LYS A 442 1.20 -21.22 -3.47
N ASP A 443 0.07 -20.59 -3.78
CA ASP A 443 0.06 -19.36 -4.58
C ASP A 443 0.95 -18.28 -3.94
N PHE A 444 0.80 -18.12 -2.64
CA PHE A 444 1.59 -17.19 -1.89
C PHE A 444 3.12 -17.44 -2.04
N ILE A 445 3.52 -18.69 -1.77
CA ILE A 445 4.90 -19.15 -1.89
C ILE A 445 5.45 -18.93 -3.33
N ASP A 446 4.63 -19.28 -4.32
CA ASP A 446 5.02 -19.10 -5.71
C ASP A 446 5.16 -17.64 -6.06
N ALA A 447 4.25 -16.82 -5.56
CA ALA A 447 4.31 -15.35 -5.79
C ALA A 447 5.54 -14.73 -5.18
N LEU A 448 5.90 -15.19 -3.97
CA LEU A 448 7.14 -14.74 -3.32
C LEU A 448 8.35 -15.05 -4.16
N TYR A 449 8.40 -16.21 -4.79
CA TYR A 449 9.53 -16.57 -5.64
C TYR A 449 9.60 -15.61 -6.82
N GLU A 450 8.46 -15.29 -7.43
CA GLU A 450 8.44 -14.47 -8.65
C GLU A 450 8.80 -13.01 -8.37
N ASN A 451 8.52 -12.58 -7.16
CA ASN A 451 8.78 -11.21 -6.77
C ASN A 451 9.30 -11.21 -5.34
N PRO A 452 10.57 -11.57 -5.18
CA PRO A 452 11.15 -11.84 -3.85
C PRO A 452 11.31 -10.55 -3.01
N PRO A 453 10.69 -10.54 -1.83
CA PRO A 453 10.88 -9.39 -0.93
C PRO A 453 12.23 -9.48 -0.20
N PHE A 454 12.78 -10.70 -0.14
CA PHE A 454 13.95 -11.00 0.70
C PHE A 454 15.05 -11.73 -0.07
N ILE A 455 16.20 -11.88 0.58
CA ILE A 455 17.02 -13.08 0.33
C ILE A 455 16.81 -14.01 1.55
N PHE A 456 16.10 -15.13 1.39
CA PHE A 456 15.94 -16.04 2.54
C PHE A 456 17.27 -16.76 2.76
N LEU A 457 17.67 -16.93 4.00
CA LEU A 457 19.01 -17.51 4.25
C LEU A 457 18.89 -18.84 5.00
N ALA A 458 18.38 -18.84 6.23
CA ALA A 458 18.37 -20.09 6.98
C ALA A 458 17.30 -20.13 8.09
N TYR A 459 16.81 -21.33 8.35
CA TYR A 459 16.00 -21.62 9.54
C TYR A 459 16.93 -22.04 10.69
N LEU A 460 16.68 -21.53 11.89
CA LEU A 460 17.57 -21.75 13.04
C LEU A 460 17.10 -22.79 14.05
N ASP A 461 18.04 -23.57 14.59
CA ASP A 461 17.80 -24.25 15.85
C ASP A 461 18.25 -23.31 16.95
N PHE A 462 17.76 -23.54 18.15
CA PHE A 462 18.18 -22.73 19.27
C PHE A 462 18.84 -23.61 20.30
N ALA A 463 19.81 -23.03 20.99
CA ALA A 463 20.47 -23.75 22.06
C ALA A 463 20.08 -23.13 23.39
N LEU A 464 19.26 -23.85 24.16
CA LEU A 464 18.93 -23.44 25.51
C LEU A 464 20.02 -23.90 26.45
N VAL A 465 20.77 -22.96 27.00
CA VAL A 465 21.84 -23.38 27.89
C VAL A 465 21.43 -23.17 29.34
N TYR A 466 21.53 -24.20 30.14
CA TYR A 466 20.94 -24.06 31.47
C TYR A 466 21.80 -24.66 32.60
N ASN A 467 21.85 -23.93 33.71
CA ASN A 467 22.35 -24.47 34.97
C ASN A 467 21.83 -25.90 35.20
N LYS A 468 22.75 -26.83 35.41
CA LYS A 468 22.44 -28.24 35.46
C LYS A 468 21.48 -28.59 36.58
N ASP A 469 21.35 -27.68 37.55
CA ASP A 469 20.42 -27.88 38.65
C ASP A 469 18.99 -27.79 38.17
N LEU A 470 18.77 -27.24 36.97
CA LEU A 470 17.40 -27.02 36.48
C LEU A 470 16.66 -28.27 36.00
N LYS A 471 15.56 -28.58 36.66
CA LYS A 471 14.73 -29.73 36.29
C LYS A 471 13.39 -29.28 35.70
N GLY A 472 12.81 -30.10 34.83
CA GLY A 472 11.45 -29.90 34.36
C GLY A 472 11.33 -29.22 32.99
N ILE A 473 12.46 -28.78 32.43
CA ILE A 473 12.41 -28.07 31.14
C ILE A 473 11.92 -29.00 30.06
N LYS A 474 10.93 -28.55 29.32
CA LYS A 474 10.42 -29.30 28.18
C LYS A 474 10.65 -28.50 26.89
N THR A 475 11.04 -29.19 25.81
CA THR A 475 11.22 -28.53 24.51
C THR A 475 9.89 -28.51 23.79
N ARG A 476 9.80 -27.58 22.83
CA ARG A 476 8.81 -27.64 21.79
C ARG A 476 9.27 -26.73 20.65
N THR A 477 8.56 -26.77 19.54
CA THR A 477 8.97 -25.99 18.38
C THR A 477 8.83 -24.51 18.72
N LEU A 478 9.97 -23.81 18.68
CA LEU A 478 10.03 -22.41 19.08
C LEU A 478 9.63 -21.49 17.92
N GLY A 479 9.46 -20.21 18.25
CA GLY A 479 9.18 -19.20 17.25
C GLY A 479 10.40 -18.30 17.12
N HIS A 480 10.13 -17.19 16.48
CA HIS A 480 11.08 -16.10 16.24
C HIS A 480 11.72 -15.65 17.57
N HIS A 481 13.05 -15.53 17.55
CA HIS A 481 13.93 -15.27 18.70
C HIS A 481 13.89 -16.38 19.73
N GLY A 482 13.41 -17.57 19.35
CA GLY A 482 13.31 -18.68 20.27
C GLY A 482 12.17 -18.50 21.27
N VAL A 483 11.36 -17.45 21.07
CA VAL A 483 10.20 -17.23 21.97
C VAL A 483 9.42 -18.51 22.11
N GLY A 484 9.08 -18.83 23.35
CA GLY A 484 8.41 -20.06 23.61
C GLY A 484 9.28 -20.97 24.40
N PHE A 485 10.55 -20.65 24.57
CA PHE A 485 11.41 -21.62 25.25
C PHE A 485 11.09 -21.71 26.76
N THR A 486 10.32 -20.76 27.25
CA THR A 486 9.85 -20.69 28.64
C THR A 486 8.38 -21.10 28.78
N TRP A 487 7.84 -21.81 27.79
CA TRP A 487 6.40 -22.06 27.71
C TRP A 487 5.92 -22.88 28.91
N ASN A 488 6.77 -23.74 29.50
CA ASN A 488 6.34 -24.53 30.66
C ASN A 488 7.15 -24.17 31.91
N VAL A 489 7.54 -22.91 31.98
CA VAL A 489 8.41 -22.48 33.08
C VAL A 489 7.79 -22.76 34.47
N TYR A 490 6.46 -22.79 34.57
CA TYR A 490 5.85 -23.08 35.85
C TYR A 490 6.08 -24.53 36.32
N GLU A 491 6.67 -25.36 35.49
CA GLU A 491 7.02 -26.72 35.90
C GLU A 491 8.51 -26.82 36.22
N TRP A 492 9.24 -25.73 36.01
CA TRP A 492 10.72 -25.77 36.24
C TRP A 492 11.02 -25.64 37.72
N SER A 493 12.06 -26.33 38.20
CA SER A 493 12.47 -26.20 39.59
C SER A 493 13.93 -26.61 39.82
N LYS A 494 14.44 -26.25 40.99
CA LYS A 494 15.78 -26.63 41.40
C LYS A 494 15.69 -27.59 42.56
N LYS B 1 -33.73 16.12 -37.88
CA LYS B 1 -33.48 17.00 -36.74
C LYS B 1 -33.70 16.28 -35.39
N ILE B 2 -32.88 16.58 -34.38
CA ILE B 2 -32.98 15.94 -33.04
C ILE B 2 -34.21 16.36 -32.24
N PRO B 3 -35.03 15.39 -31.80
CA PRO B 3 -36.25 15.75 -31.04
C PRO B 3 -35.92 16.57 -29.79
N LYS B 4 -36.92 17.32 -29.35
CA LYS B 4 -36.86 18.15 -28.16
C LYS B 4 -36.66 17.32 -26.88
N ASP B 5 -36.99 16.02 -26.94
CA ASP B 5 -36.93 15.21 -25.73
C ASP B 5 -35.62 14.44 -25.67
N THR B 6 -34.72 14.73 -26.61
CA THR B 6 -33.45 14.04 -26.71
C THR B 6 -32.27 15.00 -26.72
N LEU B 7 -31.24 14.69 -25.93
CA LEU B 7 -29.94 15.37 -25.97
C LEU B 7 -28.91 14.48 -26.56
N ILE B 8 -28.16 14.99 -27.55
CA ILE B 8 -27.05 14.26 -28.07
C ILE B 8 -25.77 15.11 -27.88
N ILE B 9 -24.85 14.56 -27.10
CA ILE B 9 -23.63 15.25 -26.73
C ILE B 9 -22.45 14.44 -27.19
N ALA B 10 -21.55 15.05 -27.96
CA ALA B 10 -20.31 14.38 -28.28
C ALA B 10 -19.34 14.46 -27.12
N VAL B 11 -18.61 13.37 -26.91
CA VAL B 11 -17.55 13.37 -25.93
C VAL B 11 -16.28 12.72 -26.50
N GLU B 12 -15.12 13.35 -26.31
CA GLU B 12 -13.86 12.85 -26.94
C GLU B 12 -13.51 11.38 -26.55
N ASN B 13 -13.62 11.03 -25.26
CA ASN B 13 -13.20 9.72 -24.77
C ASN B 13 -14.37 8.86 -24.31
N GLU B 14 -14.20 7.54 -24.42
CA GLU B 14 -15.20 6.60 -23.95
C GLU B 14 -14.54 5.70 -22.89
N ILE B 15 -15.29 4.74 -22.33
CA ILE B 15 -14.68 3.80 -21.37
C ILE B 15 -15.27 2.43 -21.62
N ALA B 16 -14.44 1.38 -21.57
CA ALA B 16 -14.95 0.05 -21.91
C ALA B 16 -15.80 -0.52 -20.77
N ARG B 17 -15.62 0.01 -19.56
CA ARG B 17 -16.33 -0.48 -18.38
C ARG B 17 -16.96 0.69 -17.63
N ILE B 18 -18.27 0.81 -17.72
CA ILE B 18 -18.97 1.88 -17.06
C ILE B 18 -19.12 1.45 -15.61
N ASN B 19 -18.05 1.61 -14.84
CA ASN B 19 -17.98 1.10 -13.49
C ASN B 19 -17.01 1.99 -12.75
N PRO B 20 -17.48 2.67 -11.72
CA PRO B 20 -16.66 3.61 -10.93
C PRO B 20 -15.24 3.08 -10.52
N ALA B 21 -15.12 1.76 -10.30
CA ALA B 21 -13.90 1.08 -9.87
C ALA B 21 -12.85 1.21 -10.96
N TYR B 22 -13.30 1.50 -12.19
CA TYR B 22 -12.32 1.65 -13.30
C TYR B 22 -12.33 3.07 -13.89
N SER B 23 -12.85 4.04 -13.14
CA SER B 23 -12.76 5.45 -13.58
C SER B 23 -11.34 5.96 -13.76
N GLU B 24 -11.07 6.50 -14.95
CA GLU B 24 -9.76 7.10 -15.20
C GLU B 24 -9.90 8.60 -15.47
N ASP B 25 -10.99 9.19 -15.00
CA ASP B 25 -11.27 10.62 -15.15
C ASP B 25 -11.26 11.03 -16.63
N HIS B 26 -11.54 10.09 -17.53
CA HIS B 26 -11.60 10.46 -18.97
C HIS B 26 -13.02 10.38 -19.58
N ASP B 27 -13.99 9.81 -18.87
CA ASP B 27 -15.32 9.63 -19.47
C ASP B 27 -16.43 10.55 -18.90
N ALA B 28 -17.56 10.58 -19.59
CA ALA B 28 -18.70 11.34 -19.13
C ALA B 28 -19.89 10.46 -18.75
N VAL B 29 -19.72 9.13 -18.76
CA VAL B 29 -20.89 8.23 -18.61
C VAL B 29 -21.06 7.61 -17.20
N ILE B 30 -19.94 7.39 -16.49
CA ILE B 30 -20.05 6.85 -15.13
C ILE B 30 -20.82 7.78 -14.21
N ASN B 31 -20.55 9.10 -14.33
CA ASN B 31 -21.25 10.12 -13.50
C ASN B 31 -22.72 10.34 -13.87
N LEU B 32 -23.17 9.70 -14.93
CA LEU B 32 -24.60 9.72 -15.33
C LEU B 32 -25.34 8.57 -14.65
N VAL B 33 -24.77 7.37 -14.74
CA VAL B 33 -25.42 6.16 -14.21
C VAL B 33 -25.23 6.01 -12.69
N PHE B 34 -24.10 6.49 -12.18
CA PHE B 34 -23.72 6.30 -10.77
C PHE B 34 -23.73 7.62 -10.02
N SER B 35 -23.83 7.56 -8.70
CA SER B 35 -23.65 8.78 -7.92
C SER B 35 -22.86 8.41 -6.66
N GLY B 36 -22.21 9.41 -6.04
CA GLY B 36 -21.31 9.16 -4.93
C GLY B 36 -21.86 9.68 -3.60
N LEU B 37 -21.07 9.53 -2.55
CA LEU B 37 -21.46 10.05 -1.24
C LEU B 37 -21.42 11.58 -1.23
N THR B 38 -20.48 12.15 -1.95
CA THR B 38 -20.37 13.60 -2.10
C THR B 38 -20.41 14.01 -3.59
N ARG B 39 -20.51 15.30 -3.82
CA ARG B 39 -20.60 15.86 -5.16
C ARG B 39 -20.10 17.29 -5.10
N PHE B 40 -19.96 17.93 -6.26
CA PHE B 40 -19.47 19.30 -6.35
C PHE B 40 -20.45 20.16 -7.10
N ASP B 41 -20.61 21.41 -6.64
CA ASP B 41 -21.54 22.32 -7.31
C ASP B 41 -20.80 23.20 -8.29
N GLU B 42 -21.48 24.24 -8.77
CA GLU B 42 -20.95 25.10 -9.84
C GLU B 42 -19.72 25.87 -9.40
N ASN B 43 -19.57 26.04 -8.08
CA ASN B 43 -18.38 26.67 -7.49
C ASN B 43 -17.29 25.69 -7.08
N MET B 44 -17.46 24.44 -7.49
CA MET B 44 -16.63 23.33 -7.07
C MET B 44 -16.66 23.21 -5.54
N SER B 45 -17.79 23.55 -4.94
CA SER B 45 -17.97 23.36 -3.49
C SER B 45 -18.40 21.91 -3.25
N LEU B 46 -17.82 21.27 -2.25
CA LEU B 46 -18.23 19.95 -1.81
C LEU B 46 -19.62 20.07 -1.15
N LYS B 47 -20.54 19.19 -1.55
CA LYS B 47 -21.91 19.15 -1.02
C LYS B 47 -22.34 17.68 -0.83
N PRO B 48 -23.34 17.44 0.04
CA PRO B 48 -23.84 16.07 0.23
C PRO B 48 -24.41 15.50 -1.05
N ASP B 49 -24.30 14.19 -1.27
CA ASP B 49 -25.04 13.55 -2.37
C ASP B 49 -25.75 12.31 -1.75
N LEU B 50 -25.12 11.14 -1.77
CA LEU B 50 -25.76 9.97 -1.13
C LEU B 50 -25.67 10.08 0.39
N ALA B 51 -24.65 10.78 0.87
CA ALA B 51 -24.49 10.97 2.31
C ALA B 51 -25.15 12.27 2.74
N LYS B 52 -26.03 12.20 3.76
CA LYS B 52 -26.70 13.42 4.24
C LYS B 52 -25.78 14.30 5.09
N SER B 53 -24.86 13.67 5.81
CA SER B 53 -23.85 14.42 6.53
C SER B 53 -22.73 13.47 6.86
N TRP B 54 -21.70 14.04 7.46
CA TRP B 54 -20.55 13.27 7.83
C TRP B 54 -19.88 14.05 8.95
N ASP B 55 -19.19 13.29 9.81
CA ASP B 55 -18.40 13.85 10.87
C ASP B 55 -16.97 13.39 10.61
N ILE B 56 -15.99 14.25 10.85
CA ILE B 56 -14.60 13.81 10.76
C ILE B 56 -13.97 13.94 12.13
N SER B 57 -13.22 12.94 12.59
CA SER B 57 -12.61 13.02 13.94
C SER B 57 -11.54 14.09 13.89
N LYS B 58 -11.16 14.59 15.05
CA LYS B 58 -10.21 15.69 15.16
C LYS B 58 -8.83 15.28 14.63
N ASP B 59 -8.45 14.01 14.81
CA ASP B 59 -7.12 13.58 14.36
C ASP B 59 -7.08 13.25 12.86
N GLY B 60 -8.23 13.38 12.22
CA GLY B 60 -8.35 13.19 10.78
C GLY B 60 -8.46 11.73 10.38
N LEU B 61 -8.57 10.85 11.38
CA LEU B 61 -8.51 9.43 11.10
C LEU B 61 -9.87 8.75 10.95
N VAL B 62 -10.92 9.38 11.47
CA VAL B 62 -12.19 8.70 11.51
C VAL B 62 -13.38 9.49 10.89
N TYR B 63 -14.03 8.84 9.92
CA TYR B 63 -15.12 9.46 9.20
C TYR B 63 -16.44 8.71 9.49
N ASP B 64 -17.41 9.40 10.06
CA ASP B 64 -18.75 8.84 10.21
C ASP B 64 -19.64 9.41 9.14
N ILE B 65 -20.09 8.54 8.23
CA ILE B 65 -20.87 8.97 7.09
C ILE B 65 -22.37 8.51 7.29
N PHE B 66 -23.30 9.46 7.17
CA PHE B 66 -24.72 9.19 7.34
C PHE B 66 -25.40 9.32 5.99
N LEU B 67 -26.14 8.28 5.61
CA LEU B 67 -26.73 8.12 4.29
C LEU B 67 -28.20 8.55 4.22
N ARG B 68 -28.66 8.91 3.03
CA ARG B 68 -30.07 9.12 2.79
C ARG B 68 -30.77 7.75 2.82
N ASP B 69 -32.01 7.70 3.31
CA ASP B 69 -32.71 6.41 3.30
C ASP B 69 -33.64 6.32 2.08
N ASP B 70 -33.64 7.35 1.23
CA ASP B 70 -34.62 7.43 0.15
C ASP B 70 -34.06 7.20 -1.25
N VAL B 71 -32.90 6.52 -1.33
CA VAL B 71 -32.24 6.30 -2.59
C VAL B 71 -32.55 4.90 -3.12
N LEU B 72 -32.96 4.79 -4.37
CA LEU B 72 -33.15 3.49 -5.02
C LEU B 72 -32.04 3.24 -6.09
N TRP B 73 -31.55 2.01 -6.16
CA TRP B 73 -30.81 1.59 -7.34
C TRP B 73 -31.78 1.57 -8.52
N HIS B 74 -31.25 1.57 -9.75
CA HIS B 74 -32.12 1.57 -10.93
C HIS B 74 -32.96 0.30 -11.07
N ASP B 75 -32.63 -0.74 -10.31
CA ASP B 75 -33.38 -1.97 -10.45
C ASP B 75 -34.43 -2.13 -9.36
N GLY B 76 -34.62 -1.09 -8.54
CA GLY B 76 -35.68 -1.05 -7.55
C GLY B 76 -35.25 -1.29 -6.12
N VAL B 77 -34.06 -1.90 -5.95
CA VAL B 77 -33.51 -2.20 -4.61
C VAL B 77 -32.98 -0.91 -3.93
N LYS B 78 -33.14 -0.79 -2.63
CA LYS B 78 -32.69 0.41 -1.89
C LYS B 78 -31.18 0.47 -1.76
N PHE B 79 -30.66 1.69 -1.66
CA PHE B 79 -29.25 1.93 -1.40
C PHE B 79 -29.11 1.92 0.12
N SER B 80 -28.12 1.18 0.61
CA SER B 80 -27.90 1.06 2.06
C SER B 80 -26.41 1.17 2.38
N ALA B 81 -26.08 1.20 3.66
CA ALA B 81 -24.71 1.16 4.14
C ALA B 81 -23.98 -0.05 3.59
N ASP B 82 -24.73 -1.13 3.34
CA ASP B 82 -24.15 -2.35 2.76
C ASP B 82 -23.36 -2.04 1.50
N ASP B 83 -23.94 -1.21 0.64
CA ASP B 83 -23.27 -0.81 -0.59
C ASP B 83 -22.03 0.02 -0.37
N VAL B 84 -22.06 0.87 0.66
CA VAL B 84 -20.91 1.73 0.84
C VAL B 84 -19.70 0.91 1.26
N LYS B 85 -19.94 -0.05 2.16
CA LYS B 85 -18.84 -0.92 2.61
C LYS B 85 -18.36 -1.83 1.49
N PHE B 86 -19.31 -2.38 0.74
CA PHE B 86 -18.93 -3.22 -0.37
C PHE B 86 -18.07 -2.41 -1.36
N SER B 87 -18.51 -1.20 -1.68
CA SER B 87 -17.79 -0.40 -2.70
C SER B 87 -16.36 -0.04 -2.28
N ILE B 88 -16.22 0.57 -1.12
CA ILE B 88 -14.90 1.04 -0.72
C ILE B 88 -13.97 -0.15 -0.47
N GLU B 89 -14.50 -1.23 0.07
CA GLU B 89 -13.68 -2.42 0.17
C GLU B 89 -13.32 -2.96 -1.23
N ALA B 90 -14.23 -2.80 -2.18
CA ALA B 90 -13.99 -3.27 -3.54
C ALA B 90 -12.87 -2.46 -4.20
N PHE B 91 -12.82 -1.14 -3.95
CA PHE B 91 -11.83 -0.28 -4.57
C PHE B 91 -10.41 -0.63 -4.08
N LYS B 92 -10.29 -1.11 -2.86
CA LYS B 92 -8.93 -1.35 -2.35
C LYS B 92 -8.58 -2.82 -2.38
N ASN B 93 -9.50 -3.64 -2.86
CA ASN B 93 -9.21 -5.07 -3.02
C ASN B 93 -8.32 -5.29 -4.26
N PRO B 94 -7.07 -5.77 -4.06
CA PRO B 94 -6.14 -5.99 -5.16
C PRO B 94 -6.71 -7.01 -6.20
N LYS B 95 -7.72 -7.82 -5.85
CA LYS B 95 -8.27 -8.76 -6.84
C LYS B 95 -9.03 -7.95 -7.93
N ASN B 96 -9.29 -6.68 -7.64
CA ASN B 96 -10.08 -5.86 -8.58
C ASN B 96 -9.28 -4.95 -9.50
N ASN B 97 -7.96 -4.79 -9.25
CA ASN B 97 -7.14 -3.95 -10.11
C ASN B 97 -7.72 -2.56 -10.33
N SER B 98 -8.24 -1.96 -9.27
CA SER B 98 -9.03 -0.71 -9.42
C SER B 98 -8.18 0.43 -9.84
N SER B 99 -8.72 1.26 -10.72
CA SER B 99 -7.98 2.44 -11.21
C SER B 99 -7.86 3.44 -10.06
N ILE B 100 -8.71 3.32 -9.05
CA ILE B 100 -8.68 4.32 -7.96
C ILE B 100 -8.23 3.67 -6.64
N TYR B 101 -7.57 2.50 -6.72
CA TYR B 101 -6.97 1.91 -5.50
C TYR B 101 -6.22 2.95 -4.59
N VAL B 102 -5.42 3.83 -5.17
CA VAL B 102 -4.60 4.73 -4.29
C VAL B 102 -5.43 5.72 -3.53
N ASN B 103 -6.70 5.90 -3.91
CA ASN B 103 -7.61 6.76 -3.21
C ASN B 103 -8.24 6.07 -2.02
N PHE B 104 -8.20 4.72 -1.97
CA PHE B 104 -8.82 3.99 -0.86
C PHE B 104 -7.88 3.10 -0.07
N GLU B 105 -6.60 3.10 -0.47
CA GLU B 105 -5.64 2.25 0.22
C GLU B 105 -5.41 2.57 1.69
N ASP B 106 -5.73 3.78 2.12
CA ASP B 106 -5.44 4.21 3.45
C ASP B 106 -6.58 3.78 4.48
N ILE B 107 -7.52 2.97 4.03
CA ILE B 107 -8.66 2.52 4.90
C ILE B 107 -8.28 1.29 5.71
N LYS B 108 -8.35 1.41 7.05
CA LYS B 108 -8.07 0.37 8.01
C LYS B 108 -9.32 -0.46 8.29
N SER B 109 -10.44 0.23 8.49
CA SER B 109 -11.71 -0.41 8.81
C SER B 109 -12.93 0.39 8.33
N VAL B 110 -13.94 -0.38 7.95
CA VAL B 110 -15.29 0.11 7.58
C VAL B 110 -16.31 -0.60 8.45
N GLU B 111 -16.93 0.14 9.35
CA GLU B 111 -17.92 -0.41 10.30
C GLU B 111 -19.31 0.10 9.90
N ILE B 112 -20.26 -0.81 9.65
CA ILE B 112 -21.67 -0.47 9.47
C ILE B 112 -22.38 -0.45 10.79
N LEU B 113 -22.80 0.72 11.22
CA LEU B 113 -23.43 0.80 12.50
C LEU B 113 -24.92 0.56 12.30
N ASN B 114 -25.44 0.96 11.16
CA ASN B 114 -26.85 0.67 10.85
C ASN B 114 -27.04 0.95 9.35
N PRO B 115 -28.23 0.63 8.76
CA PRO B 115 -28.31 0.79 7.29
C PRO B 115 -28.08 2.22 6.80
N SER B 116 -28.04 3.18 7.71
CA SER B 116 -27.80 4.57 7.30
C SER B 116 -26.55 5.20 7.88
N HIS B 117 -25.66 4.37 8.44
CA HIS B 117 -24.52 4.91 9.15
C HIS B 117 -23.30 3.99 9.01
N VAL B 118 -22.25 4.54 8.39
CA VAL B 118 -20.95 3.89 8.27
C VAL B 118 -19.83 4.70 8.93
N LYS B 119 -18.89 3.99 9.57
CA LYS B 119 -17.76 4.58 10.22
C LYS B 119 -16.50 4.01 9.59
N ILE B 120 -15.75 4.87 8.94
CA ILE B 120 -14.52 4.53 8.21
C ILE B 120 -13.34 5.00 9.01
N THR B 121 -12.39 4.09 9.29
CA THR B 121 -11.21 4.49 10.02
C THR B 121 -9.99 4.34 9.10
N LEU B 122 -9.10 5.32 9.16
CA LEU B 122 -7.95 5.36 8.23
C LEU B 122 -6.67 5.07 9.03
N PHE B 123 -5.58 4.64 8.37
CA PHE B 123 -4.26 4.49 9.02
C PHE B 123 -3.58 5.87 9.34
N LYS B 124 -3.67 6.79 8.38
CA LYS B 124 -3.08 8.10 8.48
C LYS B 124 -4.11 9.06 7.92
N PRO B 125 -3.97 10.36 8.19
CA PRO B 125 -4.93 11.28 7.60
C PRO B 125 -4.87 11.24 6.06
N TYR B 126 -5.99 11.50 5.38
CA TYR B 126 -6.05 11.59 3.90
C TYR B 126 -7.13 12.60 3.61
N PRO B 127 -6.81 13.91 3.76
CA PRO B 127 -7.79 14.96 3.60
C PRO B 127 -8.52 14.94 2.27
N ALA B 128 -7.88 14.39 1.25
CA ALA B 128 -8.54 14.25 -0.04
C ALA B 128 -9.73 13.26 0.00
N PHE B 129 -10.00 12.59 1.14
CA PHE B 129 -10.92 11.45 1.15
C PHE B 129 -12.35 11.87 0.71
N LEU B 130 -12.80 12.99 1.19
CA LEU B 130 -14.18 13.42 0.89
C LEU B 130 -14.31 13.64 -0.65
N ASP B 131 -13.25 14.15 -1.31
CA ASP B 131 -13.28 14.28 -2.76
C ASP B 131 -13.32 12.88 -3.37
N ALA B 132 -12.55 11.94 -2.80
CA ALA B 132 -12.48 10.59 -3.36
C ALA B 132 -13.83 9.91 -3.31
N LEU B 133 -14.59 10.23 -2.28
CA LEU B 133 -15.91 9.67 -2.04
C LEU B 133 -16.96 10.32 -2.95
N SER B 134 -16.56 11.09 -3.97
CA SER B 134 -17.54 11.57 -4.92
C SER B 134 -17.65 10.51 -6.05
N ILE B 135 -16.78 9.51 -5.97
CA ILE B 135 -16.84 8.40 -6.92
C ILE B 135 -18.13 7.67 -6.75
N GLY B 136 -18.62 7.09 -7.85
CA GLY B 136 -19.92 6.39 -7.79
C GLY B 136 -19.87 5.24 -6.79
N MET B 137 -21.01 4.96 -6.13
CA MET B 137 -21.15 3.77 -5.29
C MET B 137 -21.64 2.59 -6.14
N LEU B 138 -21.19 1.37 -5.79
CA LEU B 138 -21.60 0.11 -6.47
C LEU B 138 -22.69 -0.65 -5.73
N PRO B 139 -23.51 -1.45 -6.44
CA PRO B 139 -24.55 -2.29 -5.81
C PRO B 139 -24.05 -3.68 -5.39
N LYS B 140 -23.90 -3.85 -4.08
CA LYS B 140 -23.50 -5.11 -3.47
C LYS B 140 -24.34 -6.26 -4.01
N HIS B 141 -25.67 -6.06 -4.08
CA HIS B 141 -26.59 -7.14 -4.43
C HIS B 141 -26.41 -7.68 -5.87
N LEU B 142 -25.78 -6.88 -6.76
CA LEU B 142 -25.52 -7.31 -8.13
C LEU B 142 -24.04 -7.72 -8.33
N LEU B 143 -23.15 -7.31 -7.43
CA LEU B 143 -21.69 -7.45 -7.70
C LEU B 143 -20.89 -8.27 -6.64
N GLU B 144 -21.51 -8.64 -5.53
CA GLU B 144 -20.73 -9.27 -4.49
C GLU B 144 -20.25 -10.65 -4.92
N ASN B 145 -20.96 -11.29 -5.84
CA ASN B 145 -20.49 -12.57 -6.34
C ASN B 145 -19.99 -12.50 -7.79
N GLU B 146 -19.69 -11.30 -8.29
CA GLU B 146 -19.18 -11.18 -9.65
C GLU B 146 -17.67 -11.00 -9.66
N ASN B 147 -17.05 -11.33 -10.78
CA ASN B 147 -15.70 -10.83 -11.04
C ASN B 147 -15.82 -9.40 -11.55
N LEU B 148 -15.48 -8.43 -10.69
CA LEU B 148 -15.65 -7.04 -11.03
C LEU B 148 -14.86 -6.61 -12.29
N ASN B 149 -13.70 -7.22 -12.53
CA ASN B 149 -12.87 -6.85 -13.68
C ASN B 149 -13.59 -7.12 -15.01
N THR B 150 -14.35 -8.22 -15.08
CA THR B 150 -14.87 -8.70 -16.36
C THR B 150 -16.40 -8.80 -16.42
N SER B 151 -17.10 -8.38 -15.37
CA SER B 151 -18.54 -8.63 -15.26
C SER B 151 -19.34 -8.00 -16.38
N SER B 152 -20.42 -8.66 -16.79
CA SER B 152 -21.26 -8.07 -17.82
C SER B 152 -21.96 -6.83 -17.26
N PHE B 153 -21.98 -6.69 -15.93
CA PHE B 153 -22.38 -5.41 -15.30
C PHE B 153 -21.73 -4.20 -15.96
N ASN B 154 -20.44 -4.31 -16.26
CA ASN B 154 -19.70 -3.21 -16.81
C ASN B 154 -20.23 -2.73 -18.16
N GLN B 155 -21.02 -3.57 -18.86
CA GLN B 155 -21.67 -3.11 -20.08
C GLN B 155 -23.18 -2.97 -19.93
N ASN B 156 -23.66 -3.17 -18.72
CA ASN B 156 -25.09 -3.01 -18.40
C ASN B 156 -25.27 -2.44 -17.01
N PRO B 157 -24.68 -1.25 -16.71
CA PRO B 157 -24.60 -0.79 -15.31
C PRO B 157 -25.92 -0.38 -14.67
N ILE B 158 -26.06 -0.72 -13.41
CA ILE B 158 -27.17 -0.28 -12.57
C ILE B 158 -26.55 0.58 -11.48
N GLY B 159 -27.02 1.82 -11.36
CA GLY B 159 -26.47 2.76 -10.40
C GLY B 159 -27.51 3.57 -9.65
N THR B 160 -27.08 4.60 -8.94
CA THR B 160 -28.05 5.45 -8.27
C THR B 160 -28.18 6.81 -8.95
N GLY B 161 -27.48 6.99 -10.08
CA GLY B 161 -27.35 8.28 -10.75
C GLY B 161 -28.60 8.80 -11.47
N PRO B 162 -28.51 10.02 -12.05
CA PRO B 162 -29.70 10.62 -12.67
C PRO B 162 -30.17 9.94 -13.97
N TYR B 163 -29.33 9.10 -14.57
CA TYR B 163 -29.63 8.51 -15.87
C TYR B 163 -29.48 6.98 -15.87
N LYS B 164 -30.45 6.32 -16.48
CA LYS B 164 -30.48 4.85 -16.54
C LYS B 164 -29.90 4.40 -17.86
N PHE B 165 -29.09 3.34 -17.81
CA PHE B 165 -28.49 2.79 -19.03
C PHE B 165 -29.59 2.14 -19.86
N VAL B 166 -29.62 2.47 -21.15
CA VAL B 166 -30.56 1.90 -22.11
C VAL B 166 -29.80 0.94 -23.02
N LYS B 167 -28.87 1.46 -23.83
CA LYS B 167 -28.07 0.59 -24.67
C LYS B 167 -26.77 1.25 -25.13
N TRP B 168 -25.94 0.45 -25.76
CA TRP B 168 -24.58 0.89 -26.05
C TRP B 168 -24.16 0.34 -27.40
N LYS B 169 -23.80 1.22 -28.34
CA LYS B 169 -23.28 0.73 -29.61
C LYS B 169 -21.78 0.90 -29.63
N LYS B 170 -21.04 -0.20 -29.54
CA LYS B 170 -19.63 -0.13 -29.18
C LYS B 170 -18.84 0.78 -30.13
N GLY B 171 -18.09 1.69 -29.53
CA GLY B 171 -17.31 2.66 -30.27
C GLY B 171 -18.13 3.82 -30.82
N GLU B 172 -19.46 3.71 -30.79
CA GLU B 172 -20.32 4.74 -31.40
C GLU B 172 -20.98 5.64 -30.38
N TYR B 173 -21.82 5.06 -29.51
CA TYR B 173 -22.52 5.86 -28.52
C TYR B 173 -23.09 5.03 -27.38
N VAL B 174 -23.39 5.71 -26.29
CA VAL B 174 -24.15 5.04 -25.21
C VAL B 174 -25.40 5.85 -25.04
N GLU B 175 -26.54 5.18 -24.93
CA GLU B 175 -27.82 5.85 -24.82
C GLU B 175 -28.45 5.61 -23.42
N PHE B 176 -28.97 6.67 -22.82
CA PHE B 176 -29.54 6.65 -21.49
C PHE B 176 -30.97 7.19 -21.46
N LYS B 177 -31.71 6.89 -20.40
CA LYS B 177 -33.02 7.55 -20.20
C LYS B 177 -33.07 8.05 -18.77
N ALA B 178 -33.89 9.08 -18.54
CA ALA B 178 -33.95 9.72 -17.25
C ALA B 178 -34.34 8.69 -16.18
N ASN B 179 -33.77 8.86 -14.99
CA ASN B 179 -34.15 8.07 -13.82
C ASN B 179 -35.35 8.73 -13.20
N GLU B 180 -36.52 8.12 -13.36
CA GLU B 180 -37.76 8.73 -12.91
C GLU B 180 -37.89 8.65 -11.37
N HIS B 181 -37.01 7.88 -10.72
CA HIS B 181 -36.95 7.88 -9.25
C HIS B 181 -35.61 8.39 -8.75
N PHE B 182 -35.20 9.60 -9.16
CA PHE B 182 -33.92 10.16 -8.77
C PHE B 182 -34.08 11.07 -7.55
N TYR B 183 -33.47 10.65 -6.43
CA TYR B 183 -33.60 11.30 -5.13
C TYR B 183 -33.11 12.78 -5.16
N LEU B 184 -32.13 13.09 -6.01
CA LEU B 184 -31.47 14.40 -5.95
C LEU B 184 -32.32 15.54 -6.55
N ASP B 185 -33.00 15.23 -7.67
CA ASP B 185 -33.87 16.18 -8.36
C ASP B 185 -34.52 15.51 -9.57
N LYS B 186 -35.42 16.19 -10.25
CA LYS B 186 -36.04 15.62 -11.45
C LYS B 186 -35.12 15.86 -12.63
N VAL B 187 -34.91 14.83 -13.46
CA VAL B 187 -34.10 14.91 -14.67
C VAL B 187 -34.95 15.54 -15.77
N LYS B 188 -34.45 16.60 -16.39
CA LYS B 188 -35.30 17.41 -17.28
C LYS B 188 -35.50 16.83 -18.69
N THR B 189 -34.44 16.36 -19.34
CA THR B 189 -34.62 15.78 -20.68
C THR B 189 -34.61 14.26 -20.65
N PRO B 190 -35.68 13.64 -21.17
CA PRO B 190 -35.94 12.20 -21.06
C PRO B 190 -34.88 11.27 -21.69
N ARG B 191 -34.33 11.59 -22.85
CA ARG B 191 -33.36 10.68 -23.47
C ARG B 191 -32.03 11.41 -23.66
N LEU B 192 -30.95 10.73 -23.35
CA LEU B 192 -29.61 11.29 -23.45
C LEU B 192 -28.71 10.33 -24.19
N ILE B 193 -28.01 10.84 -25.20
CA ILE B 193 -27.10 10.03 -25.98
C ILE B 193 -25.71 10.64 -25.94
N ILE B 194 -24.74 9.86 -25.48
CA ILE B 194 -23.34 10.28 -25.44
C ILE B 194 -22.61 9.63 -26.60
N LYS B 195 -22.28 10.46 -27.58
CA LYS B 195 -21.71 9.98 -28.80
C LYS B 195 -20.19 10.08 -28.76
N HIS B 196 -19.53 9.02 -29.19
CA HIS B 196 -18.07 9.01 -29.13
C HIS B 196 -17.44 9.71 -30.36
N ILE B 197 -16.95 10.92 -30.19
CA ILE B 197 -16.30 11.63 -31.34
C ILE B 197 -14.97 12.20 -30.87
N PHE B 198 -13.87 11.54 -31.22
CA PHE B 198 -12.61 11.95 -30.64
C PHE B 198 -11.82 12.98 -31.49
N ASP B 199 -12.39 13.37 -32.63
CA ASP B 199 -11.77 14.35 -33.51
C ASP B 199 -12.72 15.54 -33.62
N PRO B 200 -12.28 16.72 -33.16
CA PRO B 200 -13.14 17.91 -33.14
C PRO B 200 -13.58 18.40 -34.51
N SER B 201 -12.90 17.98 -35.57
CA SER B 201 -13.31 18.44 -36.92
C SER B 201 -14.60 17.72 -37.27
N ILE B 202 -14.71 16.49 -36.76
CA ILE B 202 -15.90 15.69 -36.97
C ILE B 202 -17.03 16.16 -36.06
N ALA B 203 -16.72 16.44 -34.78
CA ALA B 203 -17.73 17.00 -33.87
C ALA B 203 -18.21 18.33 -34.46
N SER B 204 -17.28 19.10 -35.02
CA SER B 204 -17.63 20.38 -35.62
C SER B 204 -18.67 20.24 -36.73
N ALA B 205 -18.44 19.28 -37.62
CA ALA B 205 -19.37 19.08 -38.73
C ALA B 205 -20.70 18.54 -38.23
N GLU B 206 -20.70 17.71 -37.19
CA GLU B 206 -21.99 17.16 -36.74
C GLU B 206 -22.82 18.21 -35.99
N LEU B 207 -22.18 19.18 -35.37
CA LEU B 207 -22.93 20.32 -34.85
C LEU B 207 -23.63 21.06 -36.00
N LYS B 208 -22.86 21.31 -37.06
CA LYS B 208 -23.36 22.04 -38.21
C LYS B 208 -24.51 21.32 -38.91
N ASN B 209 -24.44 19.99 -39.04
CA ASN B 209 -25.55 19.30 -39.73
C ASN B 209 -26.63 18.72 -38.80
N GLY B 210 -26.61 19.12 -37.55
CA GLY B 210 -27.63 18.74 -36.58
C GLY B 210 -27.59 17.31 -36.04
N LYS B 211 -26.47 16.62 -36.16
CA LYS B 211 -26.38 15.25 -35.64
C LYS B 211 -26.12 15.21 -34.12
N ILE B 212 -25.61 16.31 -33.58
CA ILE B 212 -25.36 16.44 -32.14
C ILE B 212 -25.75 17.83 -31.69
N ASP B 213 -26.01 17.97 -30.40
CA ASP B 213 -26.44 19.23 -29.80
C ASP B 213 -25.30 20.05 -29.22
N ALA B 214 -24.20 19.39 -28.85
CA ALA B 214 -23.16 20.03 -28.05
C ALA B 214 -21.83 19.28 -28.16
N ALA B 215 -20.73 20.01 -28.10
CA ALA B 215 -19.37 19.43 -28.12
C ALA B 215 -18.34 20.44 -27.64
N LEU B 216 -17.21 19.97 -27.11
CA LEU B 216 -16.08 20.83 -26.88
C LEU B 216 -15.35 20.96 -28.23
N ILE B 217 -15.02 22.17 -28.64
CA ILE B 217 -14.38 22.35 -29.95
C ILE B 217 -13.05 23.09 -29.83
N ASP B 218 -11.97 22.51 -30.37
CA ASP B 218 -10.67 23.12 -30.34
C ASP B 218 -10.70 24.57 -30.88
N VAL B 219 -9.91 25.44 -30.26
CA VAL B 219 -9.90 26.85 -30.63
C VAL B 219 -9.60 27.05 -32.15
N SER B 220 -8.91 26.10 -32.78
CA SER B 220 -8.54 26.22 -34.21
C SER B 220 -9.74 26.11 -35.12
N LEU B 221 -10.87 25.64 -34.56
CA LEU B 221 -12.07 25.35 -35.37
C LEU B 221 -13.26 26.22 -35.01
N LEU B 222 -13.07 27.14 -34.07
CA LEU B 222 -14.17 27.97 -33.56
C LEU B 222 -14.66 29.01 -34.52
N ASN B 223 -13.85 29.30 -35.51
CA ASN B 223 -14.19 30.39 -36.39
C ASN B 223 -15.47 30.09 -37.13
N ILE B 224 -15.76 28.82 -37.39
CA ILE B 224 -16.97 28.57 -38.16
C ILE B 224 -18.23 28.66 -37.30
N PHE B 225 -18.09 28.91 -35.98
CA PHE B 225 -19.26 29.02 -35.08
C PHE B 225 -19.48 30.45 -34.56
N LYS B 226 -18.44 31.28 -34.56
CA LYS B 226 -18.54 32.63 -33.98
C LYS B 226 -19.55 33.51 -34.68
N ASN B 227 -19.83 33.24 -35.97
CA ASN B 227 -20.83 34.02 -36.72
C ASN B 227 -22.11 33.24 -37.01
N ASP B 228 -22.31 32.10 -36.33
CA ASP B 228 -23.49 31.25 -36.57
C ASP B 228 -24.47 31.39 -35.41
N GLU B 229 -25.59 32.07 -35.66
CA GLU B 229 -26.62 32.36 -34.63
C GLU B 229 -27.29 31.11 -34.12
N ASN B 230 -27.09 30.00 -34.84
CA ASN B 230 -27.72 28.76 -34.36
C ASN B 230 -26.98 28.18 -33.13
N PHE B 231 -25.79 28.70 -32.82
CA PHE B 231 -24.97 28.14 -31.71
C PHE B 231 -24.51 29.19 -30.71
N GLY B 232 -24.34 28.78 -29.46
CA GLY B 232 -23.64 29.59 -28.47
C GLY B 232 -22.27 28.95 -28.24
N ILE B 233 -21.35 29.71 -27.65
CA ILE B 233 -20.02 29.20 -27.31
C ILE B 233 -19.78 29.61 -25.87
N LEU B 234 -19.70 28.62 -24.97
CA LEU B 234 -19.39 28.86 -23.56
C LEU B 234 -17.91 28.62 -23.30
N ARG B 235 -17.20 29.67 -22.89
CA ARG B 235 -15.78 29.54 -22.57
C ARG B 235 -15.62 29.03 -21.16
N GLU B 236 -14.92 27.90 -21.00
CA GLU B 236 -14.80 27.28 -19.68
C GLU B 236 -13.36 27.21 -19.24
N LYS B 237 -13.11 27.62 -17.99
CA LYS B 237 -11.75 27.49 -17.46
C LYS B 237 -11.51 26.06 -17.03
N SER B 238 -10.24 25.64 -16.97
CA SER B 238 -9.94 24.25 -16.61
C SER B 238 -8.61 24.11 -15.91
N ALA B 239 -8.38 22.94 -15.34
CA ALA B 239 -7.11 22.61 -14.70
C ALA B 239 -6.23 21.76 -15.64
N ASP B 240 -6.69 21.64 -16.88
CA ASP B 240 -6.03 20.79 -17.84
C ASP B 240 -4.82 21.51 -18.42
N TYR B 241 -3.65 20.87 -18.39
CA TYR B 241 -2.46 21.40 -19.07
C TYR B 241 -1.91 20.45 -20.16
N ARG B 242 -1.16 21.01 -21.11
CA ARG B 242 -0.46 20.22 -22.09
C ARG B 242 1.04 20.34 -21.85
N ALA B 243 1.75 19.27 -22.14
CA ALA B 243 3.19 19.20 -21.89
C ALA B 243 3.83 18.23 -22.82
N LEU B 244 5.15 18.39 -23.03
CA LEU B 244 5.93 17.31 -23.62
C LEU B 244 6.36 16.36 -22.48
N MET B 245 5.89 15.12 -22.54
CA MET B 245 6.31 14.08 -21.61
C MET B 245 7.65 13.48 -22.10
N PHE B 246 8.72 13.59 -21.32
CA PHE B 246 9.99 12.86 -21.66
C PHE B 246 9.88 11.39 -21.25
N ASN B 247 10.31 10.48 -22.11
CA ASN B 247 10.42 9.10 -21.66
C ASN B 247 11.82 8.91 -21.09
N LEU B 248 11.89 8.60 -19.80
CA LEU B 248 13.17 8.62 -19.11
C LEU B 248 14.04 7.41 -19.46
N ASP B 249 13.47 6.44 -20.18
CA ASP B 249 14.26 5.33 -20.69
C ASP B 249 15.08 5.76 -21.94
N ASN B 250 14.73 6.89 -22.53
CA ASN B 250 15.40 7.30 -23.77
C ASN B 250 16.88 7.63 -23.52
N GLU B 251 17.76 7.19 -24.41
CA GLU B 251 19.20 7.33 -24.14
C GLU B 251 19.65 8.80 -24.01
N PHE B 252 18.95 9.74 -24.64
CA PHE B 252 19.26 11.18 -24.48
C PHE B 252 18.39 11.87 -23.40
N LEU B 253 17.09 11.59 -23.46
CA LEU B 253 16.16 12.25 -22.58
C LEU B 253 16.40 11.86 -21.09
N LYS B 254 17.02 10.72 -20.83
CA LYS B 254 17.28 10.39 -19.43
C LYS B 254 18.20 11.44 -18.78
N ASP B 255 19.04 12.09 -19.58
CA ASP B 255 20.05 13.02 -19.06
C ASP B 255 19.45 14.32 -18.58
N LEU B 256 19.71 14.68 -17.35
CA LEU B 256 19.11 15.89 -16.79
C LEU B 256 19.42 17.13 -17.64
N LYS B 257 20.67 17.31 -18.01
CA LYS B 257 21.03 18.48 -18.79
C LYS B 257 20.29 18.58 -20.13
N VAL B 258 20.02 17.44 -20.76
CA VAL B 258 19.30 17.39 -22.04
C VAL B 258 17.85 17.87 -21.81
N ARG B 259 17.23 17.41 -20.72
CA ARG B 259 15.86 17.80 -20.43
C ARG B 259 15.76 19.26 -20.06
N GLN B 260 16.74 19.76 -19.32
CA GLN B 260 16.77 21.19 -18.99
C GLN B 260 16.99 22.01 -20.25
N ALA B 261 17.88 21.55 -21.13
CA ALA B 261 18.15 22.27 -22.37
C ALA B 261 16.87 22.40 -23.24
N LEU B 262 16.15 21.29 -23.40
CA LEU B 262 14.94 21.30 -24.23
C LEU B 262 13.89 22.22 -23.67
N ASN B 263 13.85 22.32 -22.33
CA ASN B 263 12.99 23.29 -21.67
C ASN B 263 13.40 24.73 -22.03
N TYR B 264 14.71 25.02 -21.97
CA TYR B 264 15.20 26.36 -22.31
C TYR B 264 15.00 26.67 -23.78
N ALA B 265 14.75 25.65 -24.61
CA ALA B 265 14.69 25.85 -26.07
C ALA B 265 13.34 26.37 -26.55
N VAL B 266 12.31 26.18 -25.73
CA VAL B 266 10.94 26.49 -26.15
C VAL B 266 10.46 27.90 -25.72
N ASP B 267 10.01 28.67 -26.70
CA ASP B 267 9.38 29.98 -26.47
C ASP B 267 7.89 29.77 -26.18
N LYS B 268 7.58 29.48 -24.92
CA LYS B 268 6.22 29.13 -24.53
C LYS B 268 5.25 30.29 -24.72
N GLU B 269 5.73 31.51 -24.47
CA GLU B 269 4.87 32.66 -24.63
C GLU B 269 4.40 32.81 -26.07
N SER B 270 5.30 32.59 -27.02
CA SER B 270 4.86 32.72 -28.40
C SER B 270 3.81 31.64 -28.75
N ILE B 271 3.92 30.45 -28.18
CA ILE B 271 2.94 29.38 -28.42
C ILE B 271 1.55 29.78 -27.96
N VAL B 272 1.48 30.31 -26.75
CA VAL B 272 0.22 30.69 -26.15
C VAL B 272 -0.38 31.87 -26.90
N LYS B 273 0.47 32.85 -27.22
CA LYS B 273 0.02 33.99 -28.01
C LYS B 273 -0.55 33.57 -29.35
N ASN B 274 0.21 32.76 -30.09
CA ASN B 274 -0.09 32.54 -31.51
C ASN B 274 -0.95 31.31 -31.86
N LEU B 275 -0.58 30.14 -31.36
CA LEU B 275 -1.34 28.94 -31.68
C LEU B 275 -2.66 28.96 -30.89
N LEU B 276 -2.58 29.35 -29.64
CA LEU B 276 -3.71 29.16 -28.75
C LEU B 276 -4.56 30.39 -28.54
N HIS B 277 -4.10 31.52 -29.10
CA HIS B 277 -4.86 32.76 -29.17
C HIS B 277 -5.39 33.19 -27.81
N ASP B 278 -4.58 32.99 -26.78
CA ASP B 278 -4.99 33.33 -25.42
C ASP B 278 -6.29 32.60 -24.99
N TYR B 279 -6.52 31.43 -25.58
CA TYR B 279 -7.47 30.45 -25.04
C TYR B 279 -6.65 29.47 -24.14
N ALA B 280 -5.61 30.04 -23.52
CA ALA B 280 -4.61 29.29 -22.79
C ALA B 280 -3.70 30.22 -21.97
N PHE B 281 -2.95 29.66 -21.03
CA PHE B 281 -1.89 30.47 -20.41
C PHE B 281 -0.67 29.60 -20.25
N VAL B 282 0.52 30.20 -20.26
CA VAL B 282 1.76 29.42 -20.19
C VAL B 282 1.77 28.58 -18.89
N ALA B 283 2.08 27.29 -19.02
CA ALA B 283 2.20 26.37 -17.90
C ALA B 283 3.68 26.12 -17.54
N ASN B 284 3.94 25.89 -16.26
CA ASN B 284 5.28 25.63 -15.73
C ASN B 284 5.27 24.45 -14.78
N HIS B 285 4.13 24.19 -14.16
CA HIS B 285 4.02 23.04 -13.25
C HIS B 285 2.53 22.60 -13.14
N PRO B 286 2.25 21.47 -12.46
CA PRO B 286 0.93 20.86 -12.72
C PRO B 286 -0.21 21.18 -11.74
N LEU B 287 0.02 22.15 -10.87
CA LEU B 287 -0.93 22.57 -9.84
C LEU B 287 -1.19 24.09 -9.84
N GLU B 288 -1.16 24.72 -11.02
CA GLU B 288 -1.25 26.18 -11.07
C GLU B 288 -2.70 26.69 -10.99
N ARG B 289 -3.68 25.80 -10.89
CA ARG B 289 -5.06 26.23 -10.59
C ARG B 289 -5.53 25.60 -9.27
N SER B 290 -4.56 25.11 -8.51
CA SER B 290 -4.85 24.50 -7.21
C SER B 290 -4.47 25.46 -6.05
N TRP B 291 -5.15 25.32 -4.89
CA TRP B 291 -4.71 26.01 -3.67
C TRP B 291 -3.30 25.53 -3.33
N ALA B 292 -2.91 24.35 -3.78
CA ALA B 292 -1.55 23.85 -3.49
C ALA B 292 -0.43 24.62 -4.25
N ASN B 293 -0.82 25.56 -5.12
CA ASN B 293 0.19 26.32 -5.88
C ASN B 293 1.07 27.15 -4.93
N SER B 294 2.38 27.02 -5.06
CA SER B 294 3.28 27.78 -4.19
C SER B 294 3.41 29.22 -4.67
N LYS B 295 3.07 29.43 -5.95
CA LYS B 295 3.08 30.75 -6.59
C LYS B 295 4.45 31.44 -6.57
N ASN B 296 5.40 30.86 -5.84
CA ASN B 296 6.78 31.32 -5.88
C ASN B 296 7.71 30.17 -6.23
N PHE B 297 7.87 29.89 -7.53
CA PHE B 297 8.64 28.75 -7.99
C PHE B 297 9.57 29.18 -9.10
N LYS B 298 10.63 28.42 -9.31
CA LYS B 298 11.54 28.70 -10.41
C LYS B 298 10.97 28.20 -11.74
N ILE B 299 11.39 28.81 -12.85
CA ILE B 299 10.96 28.36 -14.19
C ILE B 299 12.10 28.30 -15.23
N TYR B 300 11.87 27.58 -16.32
CA TYR B 300 12.80 27.59 -17.43
C TYR B 300 12.39 28.66 -18.45
N LYS B 301 13.01 29.82 -18.36
CA LYS B 301 12.81 30.90 -19.35
C LYS B 301 13.28 30.47 -20.74
N TYR B 302 12.72 31.07 -21.78
CA TYR B 302 13.18 30.78 -23.12
C TYR B 302 14.59 31.34 -23.32
N ASP B 303 15.58 30.47 -23.50
CA ASP B 303 16.99 30.91 -23.62
C ASP B 303 17.76 29.89 -24.43
N PRO B 304 17.71 30.03 -25.76
CA PRO B 304 18.37 29.12 -26.71
C PRO B 304 19.86 29.02 -26.42
N LYS B 305 20.44 30.12 -25.96
CA LYS B 305 21.86 30.11 -25.66
C LYS B 305 22.10 29.15 -24.50
N LYS B 306 21.27 29.22 -23.47
CA LYS B 306 21.44 28.35 -22.31
C LYS B 306 21.29 26.89 -22.70
N ALA B 307 20.31 26.63 -23.57
CA ALA B 307 20.07 25.26 -24.04
C ALA B 307 21.35 24.73 -24.68
N GLU B 308 21.91 25.48 -25.63
CA GLU B 308 23.11 25.02 -26.29
C GLU B 308 24.24 24.84 -25.32
N ASP B 309 24.40 25.77 -24.38
CA ASP B 309 25.45 25.66 -23.36
C ASP B 309 25.31 24.38 -22.55
N LEU B 310 24.06 23.99 -22.27
CA LEU B 310 23.81 22.79 -21.49
C LEU B 310 24.15 21.52 -22.28
N LEU B 311 23.82 21.52 -23.58
CA LEU B 311 24.10 20.33 -24.39
C LEU B 311 25.64 20.14 -24.55
N VAL B 312 26.37 21.24 -24.68
CA VAL B 312 27.84 21.19 -24.70
C VAL B 312 28.31 20.62 -23.37
N SER B 313 27.73 21.11 -22.28
CA SER B 313 28.07 20.64 -20.95
C SER B 313 27.78 19.15 -20.76
N ALA B 314 26.77 18.66 -21.46
CA ALA B 314 26.38 17.24 -21.37
C ALA B 314 27.29 16.37 -22.27
N GLY B 315 28.25 16.99 -22.92
CA GLY B 315 29.22 16.28 -23.74
C GLY B 315 28.95 16.28 -25.25
N PHE B 316 27.92 17.00 -25.70
CA PHE B 316 27.55 17.06 -27.14
C PHE B 316 28.35 18.14 -27.85
N LYS B 317 28.53 17.97 -29.15
CA LYS B 317 29.22 18.93 -30.00
C LYS B 317 28.50 19.01 -31.34
N LYS B 318 28.21 20.22 -31.81
CA LYS B 318 27.59 20.39 -33.14
C LYS B 318 28.48 19.83 -34.28
N ASN B 319 27.92 18.90 -35.06
CA ASN B 319 28.68 18.30 -36.13
C ASN B 319 28.65 19.20 -37.38
N LYS B 320 29.12 18.67 -38.50
CA LYS B 320 29.21 19.43 -39.78
C LYS B 320 27.82 19.86 -40.28
N ASP B 321 26.80 19.16 -39.84
CA ASP B 321 25.40 19.47 -40.24
C ASP B 321 24.73 20.45 -39.29
N GLY B 322 25.46 20.87 -38.27
CA GLY B 322 24.90 21.78 -37.27
C GLY B 322 24.11 21.04 -36.19
N ASN B 323 24.16 19.71 -36.16
CA ASN B 323 23.41 18.94 -35.15
C ASN B 323 24.28 18.50 -33.96
N PHE B 324 23.73 18.62 -32.74
CA PHE B 324 24.49 18.18 -31.58
C PHE B 324 24.73 16.69 -31.65
N GLU B 325 25.96 16.30 -31.33
CA GLU B 325 26.38 14.92 -31.54
C GLU B 325 27.28 14.51 -30.38
N LYS B 326 27.17 13.24 -30.00
CA LYS B 326 28.09 12.71 -29.02
C LYS B 326 28.40 11.24 -29.29
N ASP B 327 29.71 10.93 -29.31
CA ASP B 327 30.16 9.55 -29.46
C ASP B 327 29.54 8.91 -30.69
N GLY B 328 29.56 9.64 -31.81
CA GLY B 328 29.04 9.12 -33.06
C GLY B 328 27.52 9.14 -33.21
N LYS B 329 26.77 9.62 -32.21
CA LYS B 329 25.30 9.65 -32.29
C LYS B 329 24.76 11.07 -32.24
N ILE B 330 23.89 11.43 -33.17
CA ILE B 330 23.20 12.70 -33.11
C ILE B 330 22.10 12.69 -32.01
N LEU B 331 21.93 13.82 -31.32
CA LEU B 331 20.87 13.95 -30.32
C LEU B 331 19.55 14.08 -31.07
N GLU B 332 18.83 12.97 -31.14
CA GLU B 332 17.52 12.93 -31.81
C GLU B 332 16.55 11.97 -31.15
N PHE B 333 15.25 12.21 -31.35
CA PHE B 333 14.26 11.39 -30.70
C PHE B 333 12.94 11.75 -31.37
N GLU B 334 11.92 10.95 -31.11
CA GLU B 334 10.61 11.17 -31.70
C GLU B 334 9.70 11.89 -30.75
N ILE B 335 8.81 12.69 -31.34
CA ILE B 335 7.71 13.32 -30.61
C ILE B 335 6.42 12.78 -31.12
N TRP B 336 5.65 12.10 -30.26
CA TRP B 336 4.43 11.50 -30.71
C TRP B 336 3.23 12.34 -30.28
N ALA B 337 2.24 12.47 -31.19
CA ALA B 337 1.00 13.20 -30.88
C ALA B 337 -0.24 12.43 -31.30
N MET B 338 -1.33 12.61 -30.53
CA MET B 338 -2.62 12.13 -30.96
C MET B 338 -3.03 12.85 -32.24
N SER B 339 -3.12 12.15 -33.35
CA SER B 339 -3.39 12.79 -34.63
C SER B 339 -4.81 13.33 -34.72
N ASN B 340 -5.70 12.82 -33.87
CA ASN B 340 -7.11 13.28 -33.84
C ASN B 340 -7.26 14.56 -33.06
N ASP B 341 -6.17 15.03 -32.47
CA ASP B 341 -6.18 16.26 -31.65
C ASP B 341 -5.31 17.31 -32.34
N PRO B 342 -5.98 18.30 -32.96
CA PRO B 342 -5.19 19.22 -33.80
C PRO B 342 -4.26 20.09 -32.95
N LEU B 343 -4.62 20.36 -31.70
CA LEU B 343 -3.76 21.16 -30.82
C LEU B 343 -2.44 20.43 -30.52
N ARG B 344 -2.52 19.13 -30.22
CA ARG B 344 -1.32 18.37 -29.91
C ARG B 344 -0.47 18.19 -31.16
N VAL B 345 -1.12 17.97 -32.31
CA VAL B 345 -0.33 17.93 -33.56
C VAL B 345 0.43 19.22 -33.78
N SER B 346 -0.25 20.35 -33.64
CA SER B 346 0.41 21.66 -33.87
C SER B 346 1.55 21.85 -32.87
N LEU B 347 1.30 21.57 -31.60
CA LEU B 347 2.33 21.69 -30.57
C LEU B 347 3.57 20.78 -30.87
N ALA B 348 3.35 19.55 -31.35
CA ALA B 348 4.45 18.66 -31.69
C ALA B 348 5.29 19.25 -32.83
N GLY B 349 4.59 19.87 -33.78
CA GLY B 349 5.26 20.55 -34.88
C GLY B 349 6.11 21.72 -34.41
N ILE B 350 5.59 22.51 -33.48
CA ILE B 350 6.29 23.69 -32.94
C ILE B 350 7.51 23.30 -32.14
N LEU B 351 7.36 22.28 -31.29
CA LEU B 351 8.49 21.76 -30.52
C LEU B 351 9.61 21.32 -31.45
N GLN B 352 9.27 20.56 -32.51
CA GLN B 352 10.26 20.13 -33.49
C GLN B 352 11.02 21.31 -34.14
N SER B 353 10.29 22.37 -34.48
CA SER B 353 10.88 23.58 -35.02
C SER B 353 11.80 24.27 -33.98
N GLU B 354 11.34 24.35 -32.73
CA GLU B 354 12.11 24.95 -31.64
C GLU B 354 13.41 24.19 -31.39
N PHE B 355 13.33 22.85 -31.45
CA PHE B 355 14.50 22.03 -31.17
C PHE B 355 15.49 22.16 -32.32
N ARG B 356 14.96 22.23 -33.53
CA ARG B 356 15.82 22.30 -34.73
C ARG B 356 16.70 23.52 -34.68
N LYS B 357 16.18 24.60 -34.13
CA LYS B 357 16.93 25.85 -34.03
C LYS B 357 18.17 25.73 -33.17
N ILE B 358 18.15 24.82 -32.20
CA ILE B 358 19.34 24.64 -31.35
C ILE B 358 20.10 23.37 -31.71
N GLY B 359 19.86 22.80 -32.89
CA GLY B 359 20.64 21.66 -33.36
C GLY B 359 20.24 20.31 -32.80
N VAL B 360 18.98 20.19 -32.36
CA VAL B 360 18.39 18.94 -31.92
C VAL B 360 17.43 18.42 -33.01
N VAL B 361 17.70 17.22 -33.53
CA VAL B 361 16.85 16.65 -34.58
C VAL B 361 15.66 15.93 -33.94
N SER B 362 14.46 16.06 -34.49
CA SER B 362 13.36 15.26 -33.96
C SER B 362 12.41 14.92 -35.09
N LYS B 363 11.67 13.83 -34.90
CA LYS B 363 10.71 13.38 -35.89
C LYS B 363 9.31 13.43 -35.28
N VAL B 364 8.35 14.11 -35.94
CA VAL B 364 6.97 14.14 -35.36
C VAL B 364 6.23 12.94 -35.86
N VAL B 365 5.64 12.17 -34.95
CA VAL B 365 4.84 11.01 -35.29
C VAL B 365 3.41 11.22 -34.76
N ALA B 366 2.46 11.31 -35.67
CA ALA B 366 1.05 11.55 -35.35
C ALA B 366 0.24 10.31 -35.71
N LYS B 367 -0.36 9.69 -34.69
CA LYS B 367 -1.22 8.53 -34.90
C LYS B 367 -2.47 8.66 -34.01
N PRO B 368 -3.54 7.94 -34.38
CA PRO B 368 -4.77 8.13 -33.58
C PRO B 368 -4.67 7.71 -32.11
N ALA B 369 -5.21 8.53 -31.20
CA ALA B 369 -5.32 8.21 -29.78
C ALA B 369 -5.80 6.78 -29.61
N GLY B 370 -5.19 6.10 -28.63
CA GLY B 370 -5.60 4.74 -28.34
C GLY B 370 -5.03 3.72 -29.29
N SER B 371 -4.22 4.13 -30.27
CA SER B 371 -3.72 3.15 -31.23
C SER B 371 -2.26 2.76 -30.97
N PHE B 372 -1.62 3.38 -29.98
CA PHE B 372 -0.21 3.05 -29.66
C PHE B 372 -0.01 3.21 -28.19
N ASP B 373 1.08 2.65 -27.67
CA ASP B 373 1.36 2.71 -26.24
C ASP B 373 2.13 3.96 -25.91
N TYR B 374 1.49 4.83 -25.16
CA TYR B 374 2.08 6.11 -24.86
C TYR B 374 3.34 6.03 -23.97
N SER B 375 3.53 4.89 -23.30
CA SER B 375 4.62 4.75 -22.34
C SER B 375 5.86 4.17 -23.02
N LYS B 376 5.75 3.86 -24.31
CA LYS B 376 6.84 3.25 -25.07
C LYS B 376 7.40 4.10 -26.19
N VAL B 377 7.10 5.40 -26.21
CA VAL B 377 7.62 6.28 -27.27
C VAL B 377 8.57 7.26 -26.63
N ASP B 378 9.53 7.83 -27.39
CA ASP B 378 10.55 8.69 -26.79
C ASP B 378 10.01 9.87 -26.06
N SER B 379 9.00 10.53 -26.63
CA SER B 379 8.33 11.63 -25.93
C SER B 379 6.91 11.73 -26.47
N PHE B 380 6.04 12.38 -25.70
CA PHE B 380 4.60 12.33 -25.99
C PHE B 380 3.94 13.63 -25.61
N LEU B 381 3.08 14.15 -26.49
CA LEU B 381 2.42 15.39 -26.20
C LEU B 381 1.27 15.03 -25.24
N ILE B 382 1.53 15.15 -23.94
CA ILE B 382 0.65 14.62 -22.86
C ILE B 382 -0.22 15.70 -22.24
N GLY B 383 -1.24 15.30 -21.47
CA GLY B 383 -1.99 16.30 -20.74
C GLY B 383 -2.57 15.62 -19.47
N TRP B 384 -2.74 16.39 -18.41
CA TRP B 384 -3.38 15.91 -17.16
C TRP B 384 -4.02 17.12 -16.48
N GLY B 385 -4.82 16.92 -15.41
CA GLY B 385 -5.19 18.08 -14.62
C GLY B 385 -6.61 17.87 -14.03
N SER B 386 -6.79 18.25 -12.77
CA SER B 386 -8.10 18.08 -12.03
C SER B 386 -8.35 19.32 -11.18
N PRO B 387 -9.61 19.81 -11.10
CA PRO B 387 -9.92 20.92 -10.24
C PRO B 387 -10.15 20.43 -8.79
N LEU B 388 -10.20 19.13 -8.62
CA LEU B 388 -10.37 18.51 -7.28
C LEU B 388 -9.04 18.53 -6.49
N ASP B 389 -8.97 17.74 -5.39
CA ASP B 389 -7.77 17.72 -4.56
C ASP B 389 -6.47 17.46 -5.42
N PRO B 390 -5.41 18.22 -5.13
CA PRO B 390 -4.12 18.18 -5.83
C PRO B 390 -3.50 16.80 -5.84
N ASP B 391 -3.94 15.93 -4.95
CA ASP B 391 -3.43 14.56 -4.94
C ASP B 391 -3.77 13.83 -6.23
N PHE B 392 -4.94 14.14 -6.79
CA PHE B 392 -5.54 13.18 -7.73
C PHE B 392 -4.84 13.05 -9.06
N HIS B 393 -4.32 14.14 -9.60
CA HIS B 393 -3.57 13.93 -10.85
C HIS B 393 -2.09 14.13 -10.62
N THR B 394 -1.62 13.88 -9.40
CA THR B 394 -0.14 13.98 -9.19
C THR B 394 0.42 12.70 -8.66
N PHE B 395 -0.27 12.06 -7.70
CA PHE B 395 0.28 10.82 -7.18
C PHE B 395 0.37 9.74 -8.25
N ARG B 396 -0.69 9.49 -9.00
CA ARG B 396 -0.58 8.40 -10.02
C ARG B 396 0.31 8.84 -11.24
N VAL B 397 0.55 10.13 -11.34
CA VAL B 397 1.26 10.65 -12.56
C VAL B 397 2.80 10.75 -12.33
N PHE B 398 3.26 11.13 -11.14
CA PHE B 398 4.68 11.45 -10.92
C PHE B 398 5.40 10.48 -10.00
N GLU B 399 4.65 9.78 -9.16
CA GLU B 399 5.28 9.01 -8.11
C GLU B 399 5.90 7.76 -8.68
N SER B 400 7.10 7.33 -8.21
CA SER B 400 7.84 6.22 -8.90
C SER B 400 7.13 4.88 -8.87
N SER B 401 6.40 4.60 -7.77
CA SER B 401 5.71 3.34 -7.67
C SER B 401 4.54 3.29 -8.68
N GLN B 402 4.25 4.43 -9.30
CA GLN B 402 3.14 4.50 -10.27
C GLN B 402 3.60 4.52 -11.72
N ASP B 403 4.89 4.27 -11.92
CA ASP B 403 5.41 3.90 -13.21
C ASP B 403 4.60 2.81 -13.91
N SER B 404 4.16 3.07 -15.15
CA SER B 404 3.21 2.17 -15.80
C SER B 404 3.80 0.90 -16.27
N ALA B 405 5.14 0.84 -16.34
CA ALA B 405 5.82 -0.38 -16.65
C ALA B 405 5.82 -1.30 -15.40
N LEU B 406 5.63 -0.71 -14.21
CA LEU B 406 5.73 -1.44 -12.91
C LEU B 406 4.33 -1.65 -12.27
N ASN B 407 3.40 -0.77 -12.63
CA ASN B 407 2.05 -0.71 -12.02
C ASN B 407 1.01 -0.60 -13.12
N ASP B 408 0.26 -1.69 -13.34
CA ASP B 408 -0.75 -1.73 -14.40
C ASP B 408 -1.81 -0.63 -14.29
N GLU B 409 -1.95 -0.01 -13.11
CA GLU B 409 -2.92 1.09 -12.91
C GLU B 409 -2.20 2.39 -12.62
N GLY B 410 -0.90 2.45 -12.97
CA GLY B 410 -0.18 3.68 -12.75
C GLY B 410 -0.29 4.62 -13.97
N TRP B 411 -0.15 5.95 -13.77
CA TRP B 411 -0.26 6.86 -14.93
C TRP B 411 1.08 7.52 -15.25
N ASN B 412 2.16 6.99 -14.68
CA ASN B 412 3.48 7.52 -14.86
C ASN B 412 4.07 6.92 -16.11
N PHE B 413 3.63 7.43 -17.25
CA PHE B 413 3.94 6.84 -18.52
C PHE B 413 5.37 7.13 -19.01
N GLY B 414 6.02 8.16 -18.45
CA GLY B 414 7.40 8.48 -18.84
C GLY B 414 8.43 7.75 -17.96
N HIS B 415 7.93 7.01 -16.97
CA HIS B 415 8.81 6.20 -16.10
C HIS B 415 9.76 7.10 -15.31
N TYR B 416 9.21 8.20 -14.78
CA TYR B 416 9.92 9.19 -13.97
C TYR B 416 10.13 8.73 -12.53
N HIS B 417 11.36 8.76 -12.02
CA HIS B 417 11.65 8.33 -10.64
C HIS B 417 12.39 9.46 -9.92
N ASP B 418 11.72 10.15 -9.01
CA ASP B 418 12.41 11.19 -8.25
C ASP B 418 12.09 11.01 -6.79
N LYS B 419 13.11 10.77 -5.98
CA LYS B 419 12.85 10.46 -4.57
C LYS B 419 12.21 11.64 -3.84
N LYS B 420 12.65 12.86 -4.16
CA LYS B 420 12.11 14.05 -3.51
C LYS B 420 10.63 14.29 -3.82
N VAL B 421 10.23 14.02 -5.07
CA VAL B 421 8.85 14.08 -5.51
C VAL B 421 8.03 13.01 -4.76
N ASP B 422 8.53 11.79 -4.69
CA ASP B 422 7.85 10.70 -3.99
C ASP B 422 7.51 11.06 -2.57
N ILE B 423 8.53 11.58 -1.85
CA ILE B 423 8.37 11.94 -0.43
C ILE B 423 7.44 13.14 -0.25
N ALA B 424 7.57 14.10 -1.16
CA ALA B 424 6.76 15.31 -1.04
C ALA B 424 5.28 14.98 -1.23
N LEU B 425 4.95 14.24 -2.27
CA LEU B 425 3.57 13.88 -2.54
C LEU B 425 2.97 12.95 -1.48
N GLN B 426 3.82 12.10 -0.89
CA GLN B 426 3.32 11.24 0.20
C GLN B 426 3.05 12.05 1.47
N LYS B 427 4.00 12.86 1.91
CA LYS B 427 3.74 13.66 3.08
C LYS B 427 2.50 14.55 2.83
N ALA B 428 2.44 15.16 1.64
CA ALA B 428 1.36 16.06 1.31
C ALA B 428 -0.01 15.42 1.40
N ARG B 429 -0.15 14.17 0.92
CA ARG B 429 -1.47 13.57 0.88
C ARG B 429 -1.85 13.01 2.24
N ASN B 430 -0.87 12.65 3.05
CA ASN B 430 -1.20 12.12 4.42
C ASN B 430 -1.03 13.11 5.58
N THR B 431 -1.12 14.40 5.29
CA THR B 431 -1.04 15.42 6.33
C THR B 431 -2.35 16.19 6.39
N SER B 432 -2.95 16.35 7.58
CA SER B 432 -4.23 17.06 7.75
C SER B 432 -4.15 18.56 7.63
N ASN B 433 -3.11 19.17 8.20
CA ASN B 433 -3.02 20.63 8.25
C ASN B 433 -2.71 21.23 6.89
N LEU B 434 -3.67 22.03 6.43
CA LEU B 434 -3.63 22.65 5.13
C LEU B 434 -2.31 23.42 4.84
N GLU B 435 -1.75 24.13 5.81
CA GLU B 435 -0.48 24.82 5.56
C GLU B 435 0.72 23.90 5.46
N GLU B 436 0.70 22.83 6.24
CA GLU B 436 1.73 21.85 6.07
C GLU B 436 1.57 21.24 4.70
N ARG B 437 0.33 20.92 4.32
CA ARG B 437 0.08 20.38 2.96
C ARG B 437 0.68 21.28 1.90
N LYS B 438 0.52 22.61 2.04
CA LYS B 438 1.07 23.49 1.02
C LYS B 438 2.61 23.41 0.99
N LYS B 439 3.22 23.27 2.17
CA LYS B 439 4.68 23.17 2.25
C LYS B 439 5.15 21.94 1.48
N TYR B 440 4.50 20.81 1.69
CA TYR B 440 4.95 19.63 0.97
C TYR B 440 4.70 19.78 -0.53
N TYR B 441 3.56 20.35 -0.94
CA TYR B 441 3.33 20.57 -2.38
C TYR B 441 4.34 21.56 -2.95
N LYS B 442 4.80 22.53 -2.13
CA LYS B 442 5.89 23.39 -2.57
C LYS B 442 7.20 22.64 -2.77
N ASP B 443 7.51 21.71 -1.86
CA ASP B 443 8.63 20.81 -2.05
C ASP B 443 8.48 20.06 -3.37
N PHE B 444 7.28 19.58 -3.65
CA PHE B 444 7.01 18.84 -4.90
C PHE B 444 7.28 19.74 -6.11
N ILE B 445 6.68 20.92 -6.12
CA ILE B 445 6.88 21.86 -7.21
C ILE B 445 8.35 22.20 -7.41
N ASP B 446 9.05 22.44 -6.32
CA ASP B 446 10.45 22.77 -6.44
C ASP B 446 11.25 21.54 -6.94
N ALA B 447 10.90 20.35 -6.48
CA ALA B 447 11.61 19.13 -6.92
C ALA B 447 11.42 18.86 -8.44
N LEU B 448 10.20 19.08 -8.94
CA LEU B 448 9.91 19.00 -10.38
C LEU B 448 10.77 19.94 -11.20
N TYR B 449 11.00 21.16 -10.71
CA TYR B 449 11.83 22.12 -11.42
C TYR B 449 13.26 21.58 -11.48
N GLU B 450 13.77 21.07 -10.36
CA GLU B 450 15.16 20.61 -10.33
C GLU B 450 15.37 19.38 -11.21
N ASN B 451 14.31 18.61 -11.42
CA ASN B 451 14.44 17.38 -12.17
C ASN B 451 13.25 17.21 -13.08
N PRO B 452 13.24 17.94 -14.20
CA PRO B 452 11.97 18.02 -14.95
C PRO B 452 11.54 16.74 -15.69
N PRO B 453 10.34 16.28 -15.38
CA PRO B 453 9.80 15.11 -16.10
C PRO B 453 9.24 15.50 -17.47
N PHE B 454 8.87 16.78 -17.62
CA PHE B 454 8.10 17.31 -18.77
C PHE B 454 8.77 18.55 -19.35
N ILE B 455 8.29 18.98 -20.51
CA ILE B 455 8.25 20.40 -20.83
C ILE B 455 6.80 20.84 -20.64
N PHE B 456 6.50 21.57 -19.56
CA PHE B 456 5.14 22.09 -19.40
C PHE B 456 4.92 23.17 -20.45
N LEU B 457 3.73 23.23 -21.04
CA LEU B 457 3.48 24.17 -22.13
C LEU B 457 2.36 25.16 -21.81
N ALA B 458 1.15 24.66 -21.62
CA ALA B 458 0.04 25.58 -21.44
C ALA B 458 -1.13 24.96 -20.69
N TYR B 459 -1.82 25.81 -19.93
CA TYR B 459 -3.12 25.47 -19.35
C TYR B 459 -4.23 25.89 -20.31
N LEU B 460 -5.23 25.02 -20.49
CA LEU B 460 -6.24 25.25 -21.55
C LEU B 460 -7.58 25.77 -21.02
N ASP B 461 -8.20 26.70 -21.73
CA ASP B 461 -9.63 26.98 -21.58
C ASP B 461 -10.31 26.06 -22.57
N PHE B 462 -11.60 25.78 -22.38
CA PHE B 462 -12.31 24.96 -23.34
C PHE B 462 -13.48 25.77 -23.90
N ALA B 463 -13.84 25.50 -25.15
CA ALA B 463 -15.01 26.16 -25.73
C ALA B 463 -16.13 25.14 -25.89
N LEU B 464 -17.19 25.25 -25.08
CA LEU B 464 -18.36 24.42 -25.23
C LEU B 464 -19.28 25.03 -26.28
N VAL B 465 -19.41 24.32 -27.40
CA VAL B 465 -20.26 24.84 -28.46
C VAL B 465 -21.58 24.13 -28.45
N TYR B 466 -22.68 24.87 -28.40
CA TYR B 466 -23.96 24.20 -28.21
C TYR B 466 -25.06 24.80 -29.06
N ASN B 467 -25.92 23.92 -29.56
CA ASN B 467 -27.24 24.27 -30.14
C ASN B 467 -27.90 25.33 -29.30
N LYS B 468 -28.22 26.48 -29.93
CA LYS B 468 -28.72 27.63 -29.17
C LYS B 468 -30.05 27.32 -28.45
N ASP B 469 -30.72 26.24 -28.85
CA ASP B 469 -31.96 25.84 -28.19
C ASP B 469 -31.68 25.26 -26.80
N LEU B 470 -30.42 24.92 -26.54
CA LEU B 470 -30.08 24.25 -25.28
C LEU B 470 -30.08 25.20 -24.08
N LYS B 471 -30.95 24.95 -23.10
CA LYS B 471 -31.00 25.80 -21.92
C LYS B 471 -30.51 25.04 -20.65
N GLY B 472 -29.98 25.75 -19.65
CA GLY B 472 -29.66 25.16 -18.35
C GLY B 472 -28.20 24.83 -18.13
N ILE B 473 -27.38 25.01 -19.16
CA ILE B 473 -25.95 24.67 -19.03
C ILE B 473 -25.28 25.56 -18.00
N LYS B 474 -24.54 24.97 -17.05
CA LYS B 474 -23.77 25.77 -16.11
C LYS B 474 -22.31 25.45 -16.29
N THR B 475 -21.47 26.48 -16.22
CA THR B 475 -20.02 26.29 -16.33
C THR B 475 -19.47 25.97 -14.95
N ARG B 476 -18.29 25.38 -14.91
CA ARG B 476 -17.48 25.31 -13.70
C ARG B 476 -16.05 24.95 -14.15
N THR B 477 -15.12 24.97 -13.22
CA THR B 477 -13.75 24.67 -13.56
C THR B 477 -13.64 23.24 -14.02
N LEU B 478 -13.23 23.04 -15.27
CA LEU B 478 -13.23 21.70 -15.84
C LEU B 478 -11.94 20.95 -15.51
N GLY B 479 -11.91 19.66 -15.81
CA GLY B 479 -10.69 18.86 -15.64
C GLY B 479 -10.08 18.55 -17.00
N HIS B 480 -9.13 17.62 -16.98
CA HIS B 480 -8.40 17.08 -18.13
C HIS B 480 -9.40 16.63 -19.21
N HIS B 481 -9.14 17.00 -20.47
CA HIS B 481 -10.03 16.82 -21.62
C HIS B 481 -11.35 17.60 -21.47
N GLY B 482 -11.43 18.53 -20.53
CA GLY B 482 -12.69 19.26 -20.31
C GLY B 482 -13.74 18.41 -19.61
N VAL B 483 -13.35 17.20 -19.17
CA VAL B 483 -14.28 16.33 -18.40
C VAL B 483 -14.89 17.15 -17.29
N GLY B 484 -16.21 17.04 -17.14
CA GLY B 484 -16.96 17.85 -16.20
C GLY B 484 -17.87 18.83 -16.91
N PHE B 485 -17.72 19.00 -18.24
CA PHE B 485 -18.57 20.03 -18.86
C PHE B 485 -20.03 19.59 -18.89
N THR B 486 -20.26 18.32 -18.59
CA THR B 486 -21.61 17.76 -18.54
C THR B 486 -22.07 17.56 -17.10
N TRP B 487 -21.42 18.23 -16.13
CA TRP B 487 -21.65 17.91 -14.73
C TRP B 487 -23.13 18.14 -14.33
N ASN B 488 -23.83 19.07 -14.98
CA ASN B 488 -25.22 19.29 -14.61
C ASN B 488 -26.21 18.98 -15.73
N VAL B 489 -25.82 18.04 -16.59
CA VAL B 489 -26.65 17.71 -17.76
C VAL B 489 -28.12 17.35 -17.42
N TYR B 490 -28.37 16.86 -16.22
CA TYR B 490 -29.73 16.52 -15.83
C TYR B 490 -30.62 17.78 -15.67
N GLU B 491 -30.00 18.95 -15.75
CA GLU B 491 -30.71 20.21 -15.71
C GLU B 491 -30.90 20.83 -17.10
N TRP B 492 -30.29 20.24 -18.11
CA TRP B 492 -30.38 20.86 -19.45
C TRP B 492 -31.71 20.52 -20.11
N SER B 493 -32.24 21.44 -20.91
CA SER B 493 -33.45 21.15 -21.65
C SER B 493 -33.53 21.98 -22.92
N LYS B 494 -34.43 21.57 -23.81
CA LYS B 494 -34.72 22.32 -25.03
C LYS B 494 -36.11 22.92 -24.92
#